data_8QVU
#
_entry.id   8QVU
#
_cell.length_a   72.253
_cell.length_b   120.900
_cell.length_c   81.016
_cell.angle_alpha   90.000
_cell.angle_beta   111.673
_cell.angle_gamma   90.000
#
_symmetry.space_group_name_H-M   'P 1 21 1'
#
loop_
_entity.id
_entity.type
_entity.pdbx_description
1 polymer Elongin-B
2 polymer Elongin-C
3 polymer 'von Hippel-Lindau disease tumor suppressor'
4 polymer 'Isoform 2B of GTPase KRas'
5 non-polymer 'PHOSPHATE ION'
6 non-polymer (2S,4R)-1-[(2S)-2-[4-[4-[(3S)-4-[4-[5-[(4S)-2-azanyl-3-cyano-4-methyl-6,7-dihydro-5H-1-benzothiophen-4-yl]-1,2,4-oxadiazol-3-yl]pyrimidin-2-yl]-3-methyl-1,4-diazepan-1-yl]butoxy]-1,2,3-triazol-1-yl]-3-methyl-butanoyl]-N-[(1R)-1-[4-(4-methyl-1,3-thiazol-5-yl)phenyl]-2-oxidanyl-ethyl]-4-oxidanyl-pyrrolidine-2-carboxamide
7 non-polymer "GUANOSINE-5'-DIPHOSPHATE"
8 non-polymer 'MAGNESIUM ION'
9 water water
#
loop_
_entity_poly.entity_id
_entity_poly.type
_entity_poly.pdbx_seq_one_letter_code
_entity_poly.pdbx_strand_id
1 'polypeptide(L)'
;MDVFLMIRRHKTTIFTDAKESSTVFELKRIVEGILKRPPDEQRLYKDDQLLDDGKTLGECGFTSQTARPQAPATVGLAFR
ADDTFEALCIEPFSSPPELPDVMK
;
H,D
2 'polypeptide(L)'
;MMYVKLISSDGHEFIVKREHALTSGTIKAMLSGPGQFAENETNEVNFREIPSHVLSKVCMYFTYKVRYTNSSTEIPEFPI
APEIALELLMAANFLDC
;
G,C
3 'polypeptide(L)'
;MPRRAENWDEAEVGAEEAGVEEYGPEEDGGEESGAEESGPEESGPEELGAEEEMEAGRPRPVLRSVNSREPSQVIFCNRS
PRVVLPVWLNFDGEPQPYPTLPPGTGRRIHSYRGHLWLFRDAGTHDGLLVNQTELFVPSLNVDGQPIFANITLPVYTLKE
RCLQVVRSLVKPENYRRLDIVRSLYEDLEDHPNVQKDLERLTQERIAHQRMGD
;
F,B
4 'polypeptide(L)'
;MTEYKLVVVGADGVGKSALTIQLIQNHFVDEYDPTIEDSYRKQVVIDGETCLLDILDTAGQEEYSAMRDQYMRTGEGFLC
VFAINNTKSFEDIHHYREQIKRVKDSEDVPMVLVGNKSDLPSRTVDTKQAQDLARSYGIPFIETSAKTRQGVDDAFYTLV
REIRKHKEKMSKDGKKKKKKSKTKCVIM
;
E,A
#
# COMPACT_ATOMS: atom_id res chain seq x y z
N MET A 1 -7.93 -3.52 -16.89
CA MET A 1 -7.05 -4.65 -16.65
C MET A 1 -6.31 -5.04 -17.93
N ASP A 2 -5.01 -5.31 -17.82
CA ASP A 2 -4.18 -5.71 -18.95
C ASP A 2 -3.62 -7.09 -18.71
N VAL A 3 -3.70 -7.95 -19.72
CA VAL A 3 -3.10 -9.27 -19.69
C VAL A 3 -1.89 -9.27 -20.62
N PHE A 4 -0.95 -10.17 -20.35
CA PHE A 4 0.31 -10.22 -21.08
C PHE A 4 0.50 -11.62 -21.67
N LEU A 5 0.87 -11.66 -22.96
CA LEU A 5 0.75 -12.87 -23.77
C LEU A 5 2.06 -13.27 -24.42
N MET A 6 2.26 -14.58 -24.54
CA MET A 6 3.21 -15.19 -25.47
C MET A 6 2.39 -15.97 -26.50
N ILE A 7 2.15 -15.35 -27.66
CA ILE A 7 1.53 -16.07 -28.77
C ILE A 7 2.60 -16.90 -29.46
N ARG A 8 2.36 -18.21 -29.56
CA ARG A 8 3.41 -19.18 -29.88
C ARG A 8 2.98 -20.14 -30.97
N ARG A 9 3.80 -20.27 -32.01
CA ARG A 9 3.63 -21.27 -33.04
C ARG A 9 5.00 -21.72 -33.53
N HIS A 10 5.18 -23.05 -33.64
CA HIS A 10 6.41 -23.65 -34.13
C HIS A 10 7.62 -23.12 -33.36
N LYS A 11 8.48 -22.36 -34.04
CA LYS A 11 9.61 -21.72 -33.35
C LYS A 11 9.48 -20.20 -33.45
N THR A 12 8.31 -19.67 -33.09
CA THR A 12 8.03 -18.25 -33.18
C THR A 12 7.16 -17.84 -31.99
N THR A 13 7.62 -16.85 -31.23
CA THR A 13 6.96 -16.42 -30.00
C THR A 13 6.75 -14.91 -30.06
N ILE A 14 5.49 -14.48 -29.94
CA ILE A 14 5.15 -13.06 -29.89
C ILE A 14 4.86 -12.68 -28.45
N PHE A 15 5.58 -11.68 -27.95
CA PHE A 15 5.25 -11.04 -26.69
C PHE A 15 4.41 -9.80 -26.99
N THR A 16 3.17 -9.78 -26.51
CA THR A 16 2.34 -8.60 -26.66
C THR A 16 1.40 -8.50 -25.48
N ASP A 17 0.85 -7.31 -25.30
CA ASP A 17 -0.11 -7.02 -24.24
C ASP A 17 -1.45 -6.67 -24.85
N ALA A 18 -2.52 -6.96 -24.11
CA ALA A 18 -3.87 -6.74 -24.58
C ALA A 18 -4.77 -6.58 -23.37
N LYS A 19 -5.77 -5.71 -23.50
CA LYS A 19 -6.74 -5.54 -22.42
C LYS A 19 -7.52 -6.83 -22.25
N GLU A 20 -7.77 -7.20 -20.98
CA GLU A 20 -8.55 -8.39 -20.69
C GLU A 20 -9.92 -8.35 -21.36
N SER A 21 -10.42 -7.14 -21.64
CA SER A 21 -11.73 -6.95 -22.24
C SER A 21 -11.70 -6.91 -23.77
N SER A 22 -10.52 -6.98 -24.38
CA SER A 22 -10.49 -7.15 -25.84
C SER A 22 -10.97 -8.56 -26.19
N THR A 23 -11.04 -8.85 -27.49
CA THR A 23 -11.57 -10.12 -27.96
C THR A 23 -10.52 -10.88 -28.77
N VAL A 24 -10.70 -12.20 -28.83
CA VAL A 24 -9.75 -13.07 -29.55
C VAL A 24 -9.58 -12.59 -30.98
N PHE A 25 -10.64 -12.06 -31.58
CA PHE A 25 -10.53 -11.54 -32.94
C PHE A 25 -9.65 -10.31 -33.00
N GLU A 26 -9.86 -9.36 -32.07
CA GLU A 26 -8.98 -8.19 -32.00
C GLU A 26 -7.53 -8.61 -31.84
N LEU A 27 -7.28 -9.67 -31.07
CA LEU A 27 -5.92 -10.18 -30.92
C LEU A 27 -5.43 -10.86 -32.20
N LYS A 28 -6.32 -11.48 -32.97
CA LYS A 28 -5.86 -12.04 -34.26
C LYS A 28 -5.55 -10.87 -35.19
N ARG A 29 -6.29 -9.76 -35.08
CA ARG A 29 -5.94 -8.60 -35.89
C ARG A 29 -4.59 -8.03 -35.50
N ILE A 30 -4.15 -8.24 -34.26
CA ILE A 30 -2.84 -7.78 -33.84
C ILE A 30 -1.76 -8.74 -34.32
N VAL A 31 -2.04 -10.03 -34.29
CA VAL A 31 -1.07 -11.01 -34.86
C VAL A 31 -0.98 -10.73 -36.36
N GLU A 32 -2.10 -10.34 -36.98
CA GLU A 32 -2.09 -9.96 -38.40
C GLU A 32 -1.01 -8.88 -38.59
N GLY A 33 -1.03 -7.84 -37.75
CA GLY A 33 -0.06 -6.80 -37.92
C GLY A 33 1.37 -7.28 -37.81
N ILE A 34 1.61 -8.36 -37.05
CA ILE A 34 2.95 -8.86 -36.85
C ILE A 34 3.29 -9.90 -37.92
N LEU A 35 2.50 -10.96 -37.97
CA LEU A 35 2.81 -12.13 -38.77
C LEU A 35 2.11 -12.12 -40.12
N LYS A 36 1.48 -11.01 -40.50
CA LYS A 36 0.90 -10.78 -41.83
C LYS A 36 0.06 -11.97 -42.31
N ARG A 37 -1.01 -12.25 -41.56
CA ARG A 37 -1.95 -13.32 -41.95
C ARG A 37 -3.35 -12.91 -41.54
N PRO A 38 -4.40 -13.21 -42.33
CA PRO A 38 -5.77 -12.90 -41.93
C PRO A 38 -6.33 -13.77 -40.79
N PRO A 39 -7.29 -13.27 -40.00
CA PRO A 39 -7.89 -14.04 -38.93
C PRO A 39 -8.53 -15.33 -39.44
N ASP A 40 -9.08 -15.31 -40.64
CA ASP A 40 -9.68 -16.53 -41.23
C ASP A 40 -8.58 -17.58 -41.33
N GLU A 41 -7.34 -17.17 -41.59
CA GLU A 41 -6.20 -18.11 -41.69
C GLU A 41 -5.60 -18.42 -40.31
N GLN A 42 -6.02 -17.74 -39.24
CA GLN A 42 -5.35 -17.96 -37.93
C GLN A 42 -6.28 -18.68 -36.96
N ARG A 43 -5.74 -19.61 -36.16
CA ARG A 43 -6.54 -20.28 -35.09
C ARG A 43 -5.84 -20.02 -33.77
N LEU A 44 -6.54 -19.49 -32.77
CA LEU A 44 -5.90 -19.17 -31.48
C LEU A 44 -6.37 -20.18 -30.43
N TYR A 45 -5.43 -20.77 -29.68
CA TYR A 45 -5.79 -21.85 -28.73
C TYR A 45 -5.25 -21.56 -27.33
N LYS A 46 -5.99 -21.93 -26.29
CA LYS A 46 -5.43 -21.85 -24.91
C LYS A 46 -5.16 -23.31 -24.56
N ASP A 47 -3.92 -23.67 -24.27
CA ASP A 47 -3.60 -25.11 -24.07
C ASP A 47 -4.00 -25.84 -25.36
N ASP A 48 -4.77 -26.92 -25.27
CA ASP A 48 -5.25 -27.64 -26.47
C ASP A 48 -6.64 -27.15 -26.89
N GLN A 49 -7.29 -26.32 -26.07
CA GLN A 49 -8.68 -25.89 -26.36
C GLN A 49 -8.68 -24.75 -27.37
N LEU A 50 -9.46 -24.87 -28.46
CA LEU A 50 -9.57 -23.79 -29.47
C LEU A 50 -10.35 -22.62 -28.86
N LEU A 51 -10.03 -21.40 -29.26
CA LEU A 51 -10.71 -20.22 -28.70
C LEU A 51 -11.59 -19.59 -29.77
N ASP A 52 -12.88 -19.37 -29.46
CA ASP A 52 -13.75 -18.68 -30.39
C ASP A 52 -13.42 -17.19 -30.44
N ASP A 53 -13.60 -16.59 -31.63
CA ASP A 53 -13.20 -15.20 -31.83
C ASP A 53 -13.99 -14.26 -30.94
N GLY A 54 -15.27 -14.54 -30.71
CA GLY A 54 -16.13 -13.61 -30.00
C GLY A 54 -15.81 -13.49 -28.52
N LYS A 55 -15.34 -14.57 -27.91
CA LYS A 55 -15.07 -14.57 -26.48
C LYS A 55 -13.99 -13.55 -26.14
N THR A 56 -14.18 -12.85 -25.02
CA THR A 56 -13.17 -11.95 -24.52
C THR A 56 -12.03 -12.73 -23.88
N LEU A 57 -10.87 -12.09 -23.76
CA LEU A 57 -9.69 -12.79 -23.24
C LEU A 57 -9.92 -13.27 -21.81
N GLY A 58 -10.66 -12.51 -21.01
CA GLY A 58 -10.94 -12.95 -19.66
C GLY A 58 -11.78 -14.20 -19.61
N GLU A 59 -12.77 -14.31 -20.51
CA GLU A 59 -13.59 -15.50 -20.56
C GLU A 59 -12.77 -16.73 -20.93
N CYS A 60 -11.78 -16.56 -21.82
CA CYS A 60 -10.90 -17.66 -22.16
C CYS A 60 -10.09 -18.14 -20.97
N GLY A 61 -9.68 -17.22 -20.10
CA GLY A 61 -8.91 -17.58 -18.93
C GLY A 61 -7.71 -16.69 -18.70
N PHE A 62 -7.52 -15.68 -19.55
CA PHE A 62 -6.40 -14.77 -19.44
C PHE A 62 -6.80 -13.59 -18.56
N THR A 63 -6.29 -13.57 -17.34
CA THR A 63 -6.61 -12.57 -16.33
C THR A 63 -5.31 -11.96 -15.83
N SER A 64 -5.45 -10.92 -15.00
CA SER A 64 -4.27 -10.26 -14.45
C SER A 64 -3.41 -11.24 -13.67
N GLN A 65 -4.04 -12.08 -12.85
CA GLN A 65 -3.29 -13.06 -12.06
C GLN A 65 -2.69 -14.15 -12.95
N THR A 66 -3.44 -14.60 -13.96
CA THR A 66 -2.96 -15.68 -14.81
C THR A 66 -1.88 -15.19 -15.78
N ALA A 67 -2.06 -13.99 -16.33
CA ALA A 67 -1.17 -13.45 -17.35
C ALA A 67 -0.52 -12.18 -16.81
N ARG A 68 0.76 -12.27 -16.50
CA ARG A 68 1.53 -11.19 -15.90
C ARG A 68 2.73 -10.84 -16.75
N PRO A 69 3.26 -9.61 -16.64
CA PRO A 69 4.47 -9.27 -17.40
C PRO A 69 5.65 -10.19 -17.07
N GLN A 70 5.90 -10.42 -15.79
CA GLN A 70 7.00 -11.28 -15.37
C GLN A 70 6.76 -12.75 -15.72
N ALA A 71 5.49 -13.15 -15.88
CA ALA A 71 5.14 -14.54 -16.15
C ALA A 71 3.94 -14.58 -17.07
N PRO A 72 4.15 -14.42 -18.37
CA PRO A 72 3.02 -14.30 -19.30
C PRO A 72 2.38 -15.64 -19.63
N ALA A 73 1.14 -15.57 -20.09
CA ALA A 73 0.33 -16.71 -20.43
C ALA A 73 0.32 -16.95 -21.93
N THR A 74 0.28 -18.22 -22.32
CA THR A 74 0.62 -18.67 -23.66
C THR A 74 -0.63 -18.95 -24.50
N VAL A 75 -0.72 -18.30 -25.66
CA VAL A 75 -1.75 -18.57 -26.65
C VAL A 75 -1.09 -19.30 -27.81
N GLY A 76 -1.59 -20.50 -28.11
CA GLY A 76 -1.11 -21.23 -29.27
C GLY A 76 -1.69 -20.69 -30.56
N LEU A 77 -0.88 -20.78 -31.62
CA LEU A 77 -1.29 -20.26 -32.95
C LEU A 77 -1.15 -21.36 -34.01
N ALA A 78 -2.16 -21.51 -34.86
CA ALA A 78 -2.10 -22.46 -35.99
C ALA A 78 -2.47 -21.68 -37.24
N PHE A 79 -1.68 -21.83 -38.30
CA PHE A 79 -1.96 -21.10 -39.57
C PHE A 79 -2.64 -22.02 -40.58
N ARG A 80 -3.46 -21.46 -41.48
CA ARG A 80 -4.17 -22.24 -42.49
C ARG A 80 -3.50 -22.05 -43.85
N ALA A 81 -3.23 -23.17 -44.52
CA ALA A 81 -2.65 -23.15 -45.86
C ALA A 81 -3.45 -24.08 -46.77
N ASP A 82 -3.84 -23.57 -47.93
CA ASP A 82 -4.62 -24.32 -48.91
C ASP A 82 -5.91 -24.87 -48.31
N ASP A 83 -6.56 -24.04 -47.48
CA ASP A 83 -7.86 -24.35 -46.89
C ASP A 83 -7.82 -25.54 -45.92
N THR A 84 -6.64 -25.80 -45.35
CA THR A 84 -6.48 -26.83 -44.33
C THR A 84 -5.79 -26.21 -43.13
N PHE A 85 -6.47 -26.25 -41.98
CA PHE A 85 -5.83 -25.75 -40.74
C PHE A 85 -4.81 -26.77 -40.27
N GLU A 86 -3.64 -26.29 -39.89
CA GLU A 86 -2.56 -27.15 -39.47
C GLU A 86 -2.77 -27.61 -38.02
N ALA A 87 -2.20 -28.76 -37.70
CA ALA A 87 -2.16 -29.20 -36.31
C ALA A 87 -1.45 -28.15 -35.47
N LEU A 88 -2.01 -27.90 -34.27
CA LEU A 88 -1.34 -26.95 -33.33
C LEU A 88 0.02 -27.54 -32.95
N CYS A 89 1.10 -26.82 -33.27
CA CYS A 89 2.44 -27.30 -32.95
C CYS A 89 3.25 -26.15 -32.37
N ILE A 90 3.79 -26.35 -31.17
CA ILE A 90 4.62 -25.37 -30.47
C ILE A 90 5.90 -26.09 -30.06
N GLU A 91 7.03 -25.71 -30.68
CA GLU A 91 8.28 -26.42 -30.42
C GLU A 91 8.89 -25.96 -29.10
N PRO A 92 9.24 -26.87 -28.20
CA PRO A 92 9.61 -26.48 -26.84
C PRO A 92 10.91 -25.70 -26.78
N PHE A 93 11.09 -25.00 -25.65
CA PHE A 93 12.31 -24.27 -25.36
C PHE A 93 13.39 -25.22 -24.84
N SER A 94 14.63 -24.74 -24.85
CA SER A 94 15.73 -25.53 -24.33
C SER A 94 15.60 -25.70 -22.81
N SER A 95 16.42 -26.59 -22.26
CA SER A 95 16.32 -26.93 -20.85
C SER A 95 17.61 -26.58 -20.12
N PRO A 96 17.50 -26.00 -18.92
CA PRO A 96 18.71 -25.60 -18.20
C PRO A 96 19.45 -26.81 -17.67
N PRO A 97 20.76 -26.70 -17.46
CA PRO A 97 21.50 -27.81 -16.85
C PRO A 97 21.06 -28.07 -15.42
N GLU A 98 21.43 -29.25 -14.93
CA GLU A 98 21.11 -29.60 -13.55
C GLU A 98 21.78 -28.63 -12.58
N LEU A 99 21.02 -28.25 -11.56
CA LEU A 99 21.48 -27.30 -10.55
C LEU A 99 22.85 -27.71 -10.04
N PRO A 100 23.87 -26.85 -10.15
CA PRO A 100 25.15 -27.15 -9.51
C PRO A 100 24.95 -27.38 -8.02
N ASP A 101 25.69 -28.35 -7.47
CA ASP A 101 25.48 -28.72 -6.08
C ASP A 101 25.73 -27.55 -5.14
N VAL A 102 26.72 -26.71 -5.47
CA VAL A 102 26.95 -25.51 -4.67
C VAL A 102 25.72 -24.63 -4.59
N MET A 103 24.79 -24.79 -5.54
CA MET A 103 23.53 -24.07 -5.50
C MET A 103 22.46 -24.86 -4.75
N MET B 1 2.52 -1.52 -34.42
CA MET B 1 3.54 -1.32 -33.40
C MET B 1 4.91 -1.74 -33.93
N MET B 2 5.94 -0.96 -33.63
CA MET B 2 7.30 -1.32 -34.02
C MET B 2 7.79 -2.47 -33.15
N TYR B 3 8.16 -3.58 -33.79
CA TYR B 3 8.71 -4.73 -33.09
C TYR B 3 10.13 -4.96 -33.59
N VAL B 4 10.84 -5.84 -32.88
CA VAL B 4 12.13 -6.36 -33.30
C VAL B 4 12.14 -7.85 -33.00
N LYS B 5 12.97 -8.58 -33.73
CA LYS B 5 12.96 -10.03 -33.67
C LYS B 5 14.28 -10.55 -33.13
N LEU B 6 14.22 -11.28 -32.03
CA LEU B 6 15.39 -11.76 -31.31
C LEU B 6 15.46 -13.27 -31.47
N ILE B 7 16.63 -13.77 -31.86
CA ILE B 7 16.80 -15.17 -32.21
C ILE B 7 17.82 -15.79 -31.25
N SER B 8 17.48 -16.94 -30.70
CA SER B 8 18.33 -17.62 -29.73
C SER B 8 19.31 -18.54 -30.45
N SER B 9 20.21 -19.15 -29.66
CA SER B 9 21.21 -20.04 -30.23
C SER B 9 20.59 -21.26 -30.90
N ASP B 10 19.46 -21.74 -30.39
CA ASP B 10 18.79 -22.90 -30.96
C ASP B 10 17.72 -22.51 -31.99
N GLY B 11 17.76 -21.30 -32.53
CA GLY B 11 16.91 -20.94 -33.63
C GLY B 11 15.49 -20.54 -33.29
N HIS B 12 15.17 -20.36 -32.01
CA HIS B 12 13.87 -19.84 -31.63
C HIS B 12 13.80 -18.33 -31.90
N GLU B 13 12.60 -17.87 -32.24
CA GLU B 13 12.40 -16.51 -32.76
C GLU B 13 11.41 -15.77 -31.87
N PHE B 14 11.85 -14.65 -31.29
CA PHE B 14 11.05 -13.89 -30.33
C PHE B 14 10.75 -12.52 -30.89
N ILE B 15 9.47 -12.19 -30.97
CA ILE B 15 9.00 -10.89 -31.43
C ILE B 15 8.60 -10.08 -30.20
N VAL B 16 9.38 -9.04 -29.91
CA VAL B 16 9.12 -8.13 -28.81
C VAL B 16 9.06 -6.72 -29.39
N LYS B 17 8.42 -5.83 -28.65
CA LYS B 17 8.38 -4.43 -29.05
C LYS B 17 9.79 -3.83 -28.99
N ARG B 18 10.05 -2.87 -29.88
CA ARG B 18 11.38 -2.26 -29.93
C ARG B 18 11.70 -1.55 -28.62
N GLU B 19 10.80 -0.71 -28.13
CA GLU B 19 11.01 -0.01 -26.88
C GLU B 19 11.36 -0.97 -25.75
N HIS B 20 10.66 -2.10 -25.66
CA HIS B 20 10.99 -3.12 -24.67
C HIS B 20 12.39 -3.65 -24.87
N ALA B 21 12.73 -4.02 -26.11
CA ALA B 21 14.05 -4.59 -26.36
C ALA B 21 15.17 -3.59 -26.14
N LEU B 22 14.85 -2.31 -26.22
CA LEU B 22 15.88 -1.25 -26.01
C LEU B 22 16.24 -1.18 -24.53
N THR B 23 15.69 -2.07 -23.70
CA THR B 23 16.03 -2.11 -22.25
C THR B 23 17.45 -2.69 -22.13
N SER B 24 17.94 -3.35 -23.18
CA SER B 24 19.32 -3.85 -23.19
C SER B 24 20.22 -2.85 -23.91
N GLY B 25 21.29 -2.42 -23.26
CA GLY B 25 22.25 -1.55 -23.93
C GLY B 25 22.88 -2.20 -25.13
N THR B 26 23.26 -3.47 -25.00
CA THR B 26 23.84 -4.21 -26.12
C THR B 26 22.89 -4.22 -27.32
N ILE B 27 21.61 -4.57 -27.09
CA ILE B 27 20.64 -4.59 -28.18
C ILE B 27 20.49 -3.21 -28.78
N LYS B 28 20.51 -2.16 -27.94
CA LYS B 28 20.40 -0.80 -28.45
C LYS B 28 21.55 -0.46 -29.38
N ALA B 29 22.75 -0.94 -29.06
CA ALA B 29 23.91 -0.68 -29.91
C ALA B 29 23.78 -1.40 -31.25
N MET B 30 23.33 -2.66 -31.23
CA MET B 30 23.20 -3.41 -32.47
C MET B 30 22.12 -2.84 -33.39
N LEU B 31 21.04 -2.32 -32.81
CA LEU B 31 19.98 -1.73 -33.62
C LEU B 31 20.35 -0.35 -34.16
N SER B 32 21.31 0.33 -33.53
CA SER B 32 21.79 1.61 -34.01
C SER B 32 23.01 1.44 -34.91
N THR B 42 17.11 -1.81 -38.63
CA THR B 42 17.49 -3.11 -38.03
C THR B 42 16.32 -3.60 -37.16
N ASN B 43 15.62 -4.64 -37.63
CA ASN B 43 14.44 -5.16 -36.88
C ASN B 43 14.70 -6.63 -36.53
N GLU B 44 15.96 -7.05 -36.62
CA GLU B 44 16.30 -8.45 -36.29
C GLU B 44 17.69 -8.53 -35.65
N VAL B 45 17.79 -9.20 -34.50
CA VAL B 45 19.12 -9.42 -33.85
C VAL B 45 19.28 -10.91 -33.62
N ASN B 46 20.45 -11.45 -33.91
CA ASN B 46 20.68 -12.91 -33.75
C ASN B 46 21.73 -13.15 -32.66
N PHE B 47 21.38 -13.94 -31.66
CA PHE B 47 22.30 -14.28 -30.59
C PHE B 47 22.62 -15.77 -30.68
N ARG B 48 23.89 -16.08 -30.94
CA ARG B 48 24.31 -17.47 -31.08
C ARG B 48 24.79 -18.10 -29.79
N GLU B 49 24.85 -17.35 -28.69
CA GLU B 49 25.29 -17.90 -27.41
C GLU B 49 24.22 -17.85 -26.31
N ILE B 50 23.01 -17.42 -26.63
CA ILE B 50 21.95 -17.25 -25.64
C ILE B 50 20.83 -18.23 -25.97
N PRO B 51 20.64 -19.28 -25.19
CA PRO B 51 19.61 -20.28 -25.49
C PRO B 51 18.21 -19.72 -25.35
N SER B 52 17.23 -20.49 -25.84
CA SER B 52 15.86 -20.01 -25.91
C SER B 52 15.24 -19.85 -24.54
N HIS B 53 15.52 -20.77 -23.61
CA HIS B 53 14.90 -20.67 -22.29
C HIS B 53 15.41 -19.46 -21.52
N VAL B 54 16.61 -18.99 -21.82
CA VAL B 54 17.10 -17.77 -21.18
C VAL B 54 16.60 -16.54 -21.92
N LEU B 55 16.67 -16.54 -23.26
CA LEU B 55 16.24 -15.39 -24.04
C LEU B 55 14.72 -15.20 -24.01
N SER B 56 13.96 -16.23 -23.65
CA SER B 56 12.54 -16.01 -23.39
C SER B 56 12.33 -15.41 -22.01
N LYS B 57 13.06 -15.92 -21.01
CA LYS B 57 13.04 -15.30 -19.68
C LYS B 57 13.53 -13.86 -19.73
N VAL B 58 14.62 -13.60 -20.47
CA VAL B 58 15.07 -12.23 -20.68
C VAL B 58 13.95 -11.39 -21.27
N CYS B 59 13.14 -11.97 -22.15
CA CYS B 59 12.08 -11.21 -22.81
C CYS B 59 10.96 -10.83 -21.84
N MET B 60 10.80 -11.60 -20.78
CA MET B 60 9.79 -11.24 -19.75
C MET B 60 10.31 -10.09 -18.90
N TYR B 61 11.62 -9.99 -18.65
CA TYR B 61 12.17 -8.83 -17.91
C TYR B 61 11.88 -7.55 -18.69
N PHE B 62 11.99 -7.63 -20.01
CA PHE B 62 11.78 -6.43 -20.85
C PHE B 62 10.35 -5.93 -20.72
N THR B 63 9.39 -6.81 -20.47
CA THR B 63 7.97 -6.41 -20.27
C THR B 63 7.79 -5.96 -18.83
N TYR B 64 8.42 -6.64 -17.87
CA TYR B 64 8.39 -6.27 -16.43
C TYR B 64 8.89 -4.84 -16.31
N LYS B 65 10.09 -4.58 -16.81
CA LYS B 65 10.59 -3.18 -16.88
C LYS B 65 9.70 -2.54 -17.94
N VAL B 66 9.57 -1.22 -17.99
CA VAL B 66 8.60 -0.54 -18.91
C VAL B 66 7.22 -0.56 -18.24
N ARG B 67 6.68 -1.74 -17.92
CA ARG B 67 5.39 -1.76 -17.17
C ARG B 67 5.54 -1.22 -15.74
N TYR B 68 6.60 -1.61 -15.03
CA TYR B 68 6.72 -1.23 -13.59
C TYR B 68 7.68 -0.06 -13.37
N THR B 69 8.38 0.36 -14.42
CA THR B 69 9.26 1.54 -14.31
C THR B 69 8.37 2.78 -14.21
N ASN B 70 8.69 3.70 -13.30
CA ASN B 70 7.81 4.88 -13.05
C ASN B 70 6.41 4.40 -12.60
N SER B 71 6.38 3.45 -11.67
CA SER B 71 5.08 3.00 -11.09
C SER B 71 4.96 3.58 -9.69
N SER B 72 3.93 4.38 -9.46
CA SER B 72 3.71 5.03 -8.13
C SER B 72 3.41 3.98 -7.05
N THR B 73 2.67 2.92 -7.39
CA THR B 73 2.26 1.89 -6.40
C THR B 73 3.29 0.76 -6.29
N GLU B 74 2.91 -0.34 -5.63
CA GLU B 74 3.83 -1.49 -5.40
C GLU B 74 4.22 -2.22 -6.69
N ILE B 75 5.30 -3.01 -6.62
CA ILE B 75 5.86 -3.71 -7.78
C ILE B 75 6.04 -5.17 -7.39
N PRO B 76 5.63 -6.12 -8.24
CA PRO B 76 5.87 -7.53 -7.93
C PRO B 76 7.30 -7.94 -8.18
N GLU B 77 7.75 -8.94 -7.41
CA GLU B 77 9.10 -9.45 -7.55
C GLU B 77 9.28 -10.17 -8.89
N PHE B 78 10.43 -9.94 -9.52
CA PHE B 78 10.75 -10.67 -10.74
C PHE B 78 11.23 -12.07 -10.38
N PRO B 79 10.47 -13.11 -10.72
CA PRO B 79 10.84 -14.47 -10.31
C PRO B 79 11.92 -15.05 -11.21
N ILE B 80 12.92 -15.68 -10.58
CA ILE B 80 13.99 -16.36 -11.28
C ILE B 80 14.17 -17.73 -10.62
N ALA B 81 13.90 -18.78 -11.38
CA ALA B 81 14.07 -20.13 -10.86
C ALA B 81 15.55 -20.45 -10.69
N PRO B 82 15.90 -21.23 -9.67
CA PRO B 82 17.33 -21.49 -9.41
C PRO B 82 18.06 -22.11 -10.58
N GLU B 83 17.39 -22.99 -11.33
CA GLU B 83 18.06 -23.72 -12.40
C GLU B 83 18.53 -22.80 -13.52
N ILE B 84 17.79 -21.73 -13.81
CA ILE B 84 18.12 -20.83 -14.91
C ILE B 84 18.95 -19.63 -14.45
N ALA B 85 19.22 -19.52 -13.16
CA ALA B 85 19.80 -18.29 -12.60
C ALA B 85 21.16 -17.97 -13.20
N LEU B 86 22.06 -18.97 -13.23
CA LEU B 86 23.41 -18.71 -13.75
C LEU B 86 23.37 -18.28 -15.21
N GLU B 87 22.60 -19.00 -16.03
CA GLU B 87 22.51 -18.65 -17.43
C GLU B 87 21.89 -17.27 -17.62
N LEU B 88 20.88 -16.94 -16.81
CA LEU B 88 20.27 -15.61 -16.88
C LEU B 88 21.25 -14.54 -16.46
N LEU B 89 22.09 -14.82 -15.46
CA LEU B 89 23.13 -13.89 -15.06
C LEU B 89 24.08 -13.59 -16.21
N MET B 90 24.62 -14.64 -16.83
CA MET B 90 25.54 -14.46 -17.95
C MET B 90 24.90 -13.67 -19.08
N ALA B 91 23.66 -14.03 -19.44
CA ALA B 91 23.00 -13.35 -20.54
C ALA B 91 22.72 -11.89 -20.20
N ALA B 92 22.35 -11.60 -18.96
CA ALA B 92 22.16 -10.21 -18.55
C ALA B 92 23.47 -9.45 -18.58
N ASN B 93 24.53 -10.05 -18.04
CA ASN B 93 25.86 -9.44 -18.10
C ASN B 93 26.24 -9.08 -19.53
N PHE B 94 25.96 -9.97 -20.47
CA PHE B 94 26.27 -9.71 -21.88
C PHE B 94 25.34 -8.63 -22.45
N LEU B 95 24.09 -8.61 -22.02
CA LEU B 95 23.10 -7.72 -22.60
C LEU B 95 22.99 -6.36 -21.89
N ASP B 96 23.63 -6.19 -20.74
CA ASP B 96 23.57 -4.93 -19.98
C ASP B 96 22.12 -4.55 -19.68
N CYS B 97 21.38 -5.48 -19.10
CA CYS B 97 20.02 -5.19 -18.69
C CYS B 97 19.76 -5.70 -17.29
N PRO C 61 28.36 16.72 6.87
CA PRO C 61 27.70 15.72 6.03
C PRO C 61 26.44 16.26 5.37
N VAL C 62 26.33 16.09 4.04
CA VAL C 62 25.16 16.60 3.34
C VAL C 62 23.91 15.81 3.73
N LEU C 63 24.05 14.50 3.89
CA LEU C 63 22.92 13.61 4.16
C LEU C 63 22.89 13.30 5.65
N ARG C 64 21.99 13.97 6.37
CA ARG C 64 21.86 13.81 7.80
C ARG C 64 20.46 14.26 8.21
N SER C 65 20.10 13.94 9.45
CA SER C 65 18.83 14.39 10.01
C SER C 65 19.00 15.74 10.66
N VAL C 66 18.00 16.59 10.49
CA VAL C 66 17.98 17.89 11.16
C VAL C 66 17.47 17.70 12.58
N ASN C 67 18.23 18.19 13.57
CA ASN C 67 17.81 18.08 14.99
C ASN C 67 16.70 19.10 15.25
N SER C 68 15.53 18.84 14.68
CA SER C 68 14.38 19.72 14.84
C SER C 68 13.66 19.50 16.17
N ARG C 69 13.66 18.25 16.64
CA ARG C 69 12.93 17.90 17.88
C ARG C 69 11.44 18.25 17.72
N GLU C 70 10.93 18.29 16.49
CA GLU C 70 9.53 18.57 16.23
C GLU C 70 8.83 17.28 15.84
N PRO C 71 7.96 16.73 16.68
CA PRO C 71 7.40 15.40 16.42
C PRO C 71 6.53 15.38 15.17
N SER C 72 6.73 14.35 14.35
CA SER C 72 5.98 14.15 13.09
C SER C 72 5.62 12.68 13.01
N GLN C 73 4.35 12.36 13.15
CA GLN C 73 3.86 11.00 13.07
C GLN C 73 3.89 10.51 11.63
N VAL C 74 4.38 9.28 11.42
CA VAL C 74 4.62 8.73 10.10
C VAL C 74 4.13 7.29 10.06
N ILE C 75 3.72 6.84 8.87
CA ILE C 75 3.30 5.46 8.65
C ILE C 75 4.31 4.77 7.75
N PHE C 76 4.90 3.69 8.27
CA PHE C 76 5.85 2.86 7.49
C PHE C 76 5.08 1.62 7.00
N CYS C 77 4.82 1.53 5.70
CA CYS C 77 4.01 0.46 5.12
C CYS C 77 4.86 -0.38 4.16
N ASN C 78 5.13 -1.62 4.54
CA ASN C 78 5.94 -2.53 3.74
C ASN C 78 5.08 -3.14 2.64
N ARG C 79 5.20 -2.59 1.43
CA ARG C 79 4.54 -3.13 0.25
C ARG C 79 5.49 -3.97 -0.60
N SER C 80 6.49 -4.57 0.03
CA SER C 80 7.47 -5.40 -0.64
C SER C 80 7.43 -6.83 -0.10
N PRO C 81 7.77 -7.83 -0.91
CA PRO C 81 7.86 -9.21 -0.41
C PRO C 81 8.98 -9.45 0.58
N ARG C 82 9.81 -8.45 0.86
CA ARG C 82 11.00 -8.61 1.69
C ARG C 82 10.76 -8.06 3.09
N VAL C 83 11.55 -8.55 4.04
CA VAL C 83 11.58 -7.99 5.38
C VAL C 83 12.36 -6.69 5.33
N VAL C 84 11.73 -5.60 5.76
CA VAL C 84 12.24 -4.25 5.57
C VAL C 84 12.93 -3.81 6.85
N LEU C 85 14.18 -3.36 6.71
CA LEU C 85 14.88 -2.69 7.79
C LEU C 85 14.83 -1.20 7.54
N PRO C 86 14.07 -0.40 8.33
CA PRO C 86 14.15 1.05 8.22
C PRO C 86 15.51 1.46 8.76
N VAL C 87 16.22 2.34 8.08
CA VAL C 87 17.50 2.87 8.51
C VAL C 87 17.35 4.37 8.65
N TRP C 88 17.75 4.87 9.82
CA TRP C 88 17.65 6.31 10.11
C TRP C 88 19.04 6.93 10.09
N LEU C 89 19.25 7.88 9.21
CA LEU C 89 20.50 8.61 9.14
C LEU C 89 20.51 9.67 10.23
N ASN C 90 21.43 9.53 11.18
CA ASN C 90 21.41 10.36 12.38
C ASN C 90 21.95 11.77 12.05
N PHE C 91 22.18 12.57 13.10
CA PHE C 91 22.62 13.98 12.93
C PHE C 91 24.04 14.05 12.38
N ASP C 92 24.87 13.05 12.68
CA ASP C 92 26.20 12.97 12.08
C ASP C 92 26.18 12.24 10.73
N GLY C 93 25.00 11.82 10.27
CA GLY C 93 24.84 11.14 9.01
C GLY C 93 25.06 9.64 9.05
N GLU C 94 25.27 9.05 10.22
CA GLU C 94 25.60 7.64 10.32
C GLU C 94 24.33 6.80 10.34
N PRO C 95 24.26 5.74 9.53
CA PRO C 95 23.01 4.97 9.42
C PRO C 95 22.73 4.17 10.68
N GLN C 96 21.49 4.27 11.17
CA GLN C 96 21.07 3.58 12.37
C GLN C 96 19.99 2.55 12.05
N PRO C 97 20.16 1.30 12.46
CA PRO C 97 19.13 0.28 12.20
C PRO C 97 17.96 0.41 13.18
N TYR C 98 16.75 0.21 12.64
CA TYR C 98 15.51 0.32 13.46
C TYR C 98 14.69 -0.96 13.28
N PRO C 99 13.70 -1.28 14.14
CA PRO C 99 12.96 -2.54 14.05
C PRO C 99 12.43 -2.95 12.67
N THR C 100 12.56 -4.23 12.30
CA THR C 100 12.16 -4.71 10.98
C THR C 100 10.63 -4.78 10.84
N LEU C 101 10.18 -4.74 9.58
CA LEU C 101 8.74 -4.84 9.25
C LEU C 101 8.50 -6.07 8.37
N PRO C 102 7.73 -7.12 8.77
CA PRO C 102 7.42 -8.26 7.92
C PRO C 102 6.66 -7.83 6.67
N PRO C 103 6.74 -8.57 5.56
CA PRO C 103 5.99 -8.24 4.37
C PRO C 103 4.49 -8.01 4.62
N GLY C 104 3.96 -6.89 4.15
CA GLY C 104 2.53 -6.60 4.29
C GLY C 104 2.17 -5.80 5.54
N THR C 105 3.09 -5.59 6.45
CA THR C 105 2.73 -4.94 7.73
C THR C 105 2.84 -3.41 7.68
N GLY C 106 2.03 -2.73 8.48
CA GLY C 106 2.12 -1.29 8.57
C GLY C 106 2.18 -0.84 10.01
N ARG C 107 3.00 0.17 10.25
CA ARG C 107 3.25 0.62 11.63
C ARG C 107 3.32 2.14 11.65
N ARG C 108 2.64 2.78 12.60
CA ARG C 108 2.64 4.23 12.77
C ARG C 108 3.78 4.60 13.71
N ILE C 109 4.96 4.78 13.12
CA ILE C 109 6.17 5.18 13.91
C ILE C 109 6.08 6.66 14.27
N HIS C 110 6.85 7.06 15.26
CA HIS C 110 6.89 8.48 15.67
C HIS C 110 8.29 9.03 15.39
N SER C 111 8.41 9.85 14.36
CA SER C 111 9.72 10.43 13.98
C SER C 111 9.65 11.94 14.16
N TYR C 112 10.53 12.68 13.51
CA TYR C 112 10.59 14.14 13.70
C TYR C 112 10.76 14.82 12.34
N ARG C 113 10.44 16.10 12.26
CA ARG C 113 10.53 16.80 10.96
C ARG C 113 11.98 16.98 10.54
N GLY C 114 12.21 16.90 9.23
CA GLY C 114 13.56 16.99 8.73
C GLY C 114 14.41 15.76 8.96
N HIS C 115 13.80 14.71 9.48
CA HIS C 115 14.56 13.45 9.71
C HIS C 115 14.77 12.72 8.39
N LEU C 116 15.83 11.94 8.29
CA LEU C 116 16.20 11.35 7.00
C LEU C 116 16.24 9.84 7.12
N TRP C 117 15.33 9.19 6.41
CA TRP C 117 15.21 7.72 6.54
C TRP C 117 15.35 7.01 5.20
N LEU C 118 16.07 5.90 5.16
CA LEU C 118 16.06 5.00 4.02
C LEU C 118 15.72 3.59 4.48
N PHE C 119 15.45 2.70 3.52
CA PHE C 119 14.85 1.40 3.78
C PHE C 119 15.47 0.31 2.92
N ARG C 120 15.89 -0.79 3.56
CA ARG C 120 16.57 -1.88 2.86
C ARG C 120 15.96 -3.24 3.24
N ASP C 121 16.22 -4.24 2.40
CA ASP C 121 15.95 -5.63 2.75
C ASP C 121 16.82 -6.01 3.95
N ALA C 122 16.18 -6.57 4.98
CA ALA C 122 16.85 -6.73 6.27
C ALA C 122 17.91 -7.83 6.29
N GLY C 123 17.85 -8.80 5.37
CA GLY C 123 18.78 -9.91 5.39
C GLY C 123 19.92 -9.80 4.41
N THR C 124 19.64 -9.21 3.25
CA THR C 124 20.62 -9.03 2.19
C THR C 124 21.07 -7.59 2.03
N HIS C 125 20.38 -6.65 2.68
CA HIS C 125 20.63 -5.22 2.57
C HIS C 125 20.47 -4.70 1.15
N ASP C 126 19.72 -5.43 0.31
CA ASP C 126 19.26 -4.90 -0.97
C ASP C 126 18.54 -3.58 -0.75
N GLY C 127 18.62 -2.70 -1.75
CA GLY C 127 17.98 -1.40 -1.63
C GLY C 127 16.50 -1.47 -1.96
N LEU C 128 15.72 -0.64 -1.26
CA LEU C 128 14.29 -0.55 -1.46
C LEU C 128 13.92 0.91 -1.66
N LEU C 129 12.75 1.11 -2.27
CA LEU C 129 12.24 2.44 -2.55
C LEU C 129 11.18 2.86 -1.53
N VAL C 130 11.01 4.17 -1.40
CA VAL C 130 9.98 4.75 -0.49
C VAL C 130 9.35 5.94 -1.21
N ASN C 131 8.06 5.86 -1.51
CA ASN C 131 7.33 6.95 -2.20
C ASN C 131 8.03 7.27 -3.53
N GLN C 132 8.46 6.27 -4.29
CA GLN C 132 9.04 6.45 -5.65
C GLN C 132 10.43 7.07 -5.63
N THR C 133 11.10 7.09 -4.47
CA THR C 133 12.46 7.70 -4.35
C THR C 133 13.29 6.89 -3.36
N GLU C 134 14.57 7.20 -3.21
CA GLU C 134 15.43 6.38 -2.36
C GLU C 134 15.40 6.79 -0.89
N LEU C 135 15.11 8.04 -0.60
CA LEU C 135 15.11 8.54 0.76
C LEU C 135 13.74 9.15 1.07
N PHE C 136 13.50 9.38 2.36
CA PHE C 136 12.21 9.89 2.84
C PHE C 136 12.45 10.89 3.95
N VAL C 137 11.86 12.07 3.83
CA VAL C 137 12.00 13.11 4.89
C VAL C 137 10.58 13.48 5.36
N PRO C 138 10.18 13.19 6.61
CA PRO C 138 8.82 13.48 7.05
C PRO C 138 8.52 14.96 6.81
N SER C 139 7.41 15.24 6.14
CA SER C 139 7.03 16.64 5.82
C SER C 139 6.28 17.26 6.99
N LEU C 140 6.04 18.57 6.94
CA LEU C 140 5.25 19.26 7.99
C LEU C 140 3.94 18.51 8.21
N ASN C 141 3.75 17.87 9.37
CA ASN C 141 2.47 17.16 9.70
C ASN C 141 1.33 18.18 9.64
N VAL C 142 0.22 17.86 8.97
CA VAL C 142 -0.87 18.78 8.75
C VAL C 142 -2.10 18.26 9.48
N ASP C 143 -2.74 19.12 10.29
CA ASP C 143 -4.00 18.77 10.99
C ASP C 143 -3.93 17.36 11.59
N GLY C 144 -2.77 16.95 12.10
CA GLY C 144 -2.65 15.66 12.73
C GLY C 144 -2.52 14.46 11.82
N GLN C 145 -2.83 14.60 10.53
CA GLN C 145 -2.78 13.46 9.64
C GLN C 145 -1.36 12.93 9.53
N PRO C 146 -1.19 11.62 9.54
CA PRO C 146 0.16 11.05 9.39
C PRO C 146 0.67 11.18 7.97
N ILE C 147 2.00 11.31 7.88
CA ILE C 147 2.68 11.29 6.56
C ILE C 147 2.84 9.81 6.25
N PHE C 148 2.56 9.41 5.03
CA PHE C 148 2.59 8.01 4.63
C PHE C 148 3.87 7.70 3.86
N ALA C 149 4.52 6.61 4.23
CA ALA C 149 5.76 6.17 3.54
C ALA C 149 5.54 4.77 2.98
N ASN C 150 5.36 4.66 1.67
CA ASN C 150 5.10 3.34 1.03
C ASN C 150 6.44 2.71 0.63
N ILE C 151 6.86 1.68 1.36
CA ILE C 151 8.16 1.00 1.07
C ILE C 151 7.88 -0.05 -0.01
N THR C 152 8.57 0.06 -1.15
CA THR C 152 8.28 -0.84 -2.30
C THR C 152 9.57 -1.35 -2.92
N LEU C 153 9.47 -2.40 -3.72
CA LEU C 153 10.64 -2.97 -4.43
C LEU C 153 10.95 -2.08 -5.64
N PRO C 154 12.21 -1.66 -5.94
CA PRO C 154 12.51 -0.95 -7.17
C PRO C 154 12.53 -1.90 -8.36
N VAL C 155 12.54 -1.36 -9.57
CA VAL C 155 12.74 -2.25 -10.76
C VAL C 155 14.25 -2.46 -10.87
N TYR C 156 14.74 -3.51 -10.24
CA TYR C 156 16.19 -3.79 -10.25
C TYR C 156 16.61 -4.20 -11.65
N THR C 157 17.85 -3.91 -12.03
CA THR C 157 18.37 -4.44 -13.28
C THR C 157 18.32 -5.96 -13.23
N LEU C 158 18.11 -6.57 -14.40
CA LEU C 158 18.06 -8.03 -14.47
C LEU C 158 19.33 -8.64 -13.90
N LYS C 159 20.49 -8.07 -14.21
CA LYS C 159 21.75 -8.58 -13.67
C LYS C 159 21.74 -8.56 -12.15
N GLU C 160 21.33 -7.44 -11.55
CA GLU C 160 21.31 -7.35 -10.09
C GLU C 160 20.33 -8.35 -9.49
N ARG C 161 19.15 -8.51 -10.10
CA ARG C 161 18.20 -9.50 -9.62
C ARG C 161 18.79 -10.91 -9.66
N CYS C 162 19.53 -11.23 -10.72
CA CYS C 162 20.18 -12.53 -10.80
C CYS C 162 21.25 -12.68 -9.73
N LEU C 163 22.04 -11.63 -9.50
CA LEU C 163 23.02 -11.65 -8.43
C LEU C 163 22.35 -11.86 -7.08
N GLN C 164 21.17 -11.26 -6.87
CA GLN C 164 20.44 -11.48 -5.63
C GLN C 164 20.03 -12.94 -5.49
N VAL C 165 19.57 -13.55 -6.58
CA VAL C 165 19.15 -14.94 -6.53
C VAL C 165 20.34 -15.86 -6.27
N VAL C 166 21.43 -15.65 -7.01
CA VAL C 166 22.62 -16.50 -6.84
C VAL C 166 23.18 -16.36 -5.44
N ARG C 167 23.17 -15.14 -4.89
CA ARG C 167 23.72 -14.91 -3.56
C ARG C 167 22.98 -15.72 -2.50
N SER C 168 21.68 -15.91 -2.68
CA SER C 168 20.89 -16.65 -1.71
C SER C 168 21.13 -18.15 -1.84
N LEU C 169 21.32 -18.64 -3.07
CA LEU C 169 21.49 -20.06 -3.27
C LEU C 169 22.90 -20.52 -2.92
N VAL C 170 23.90 -19.67 -3.15
CA VAL C 170 25.30 -20.03 -2.97
C VAL C 170 25.86 -19.30 -1.77
N LYS C 171 26.46 -20.04 -0.84
CA LYS C 171 27.23 -19.43 0.21
C LYS C 171 28.40 -18.64 -0.40
N PRO C 172 28.85 -17.57 0.26
CA PRO C 172 29.90 -16.72 -0.35
C PRO C 172 31.16 -17.46 -0.74
N GLU C 173 31.56 -18.49 0.01
CA GLU C 173 32.83 -19.16 -0.25
C GLU C 173 32.81 -20.00 -1.51
N ASN C 174 31.63 -20.32 -2.05
CA ASN C 174 31.51 -21.12 -3.26
C ASN C 174 31.18 -20.31 -4.49
N TYR C 175 31.22 -18.98 -4.41
CA TYR C 175 31.02 -18.16 -5.60
C TYR C 175 32.01 -18.54 -6.69
N ARG C 176 33.26 -18.77 -6.32
CA ARG C 176 34.34 -19.05 -7.32
C ARG C 176 34.18 -20.43 -7.95
N ARG C 177 33.37 -21.29 -7.35
CA ARG C 177 33.11 -22.61 -7.95
C ARG C 177 32.08 -22.55 -9.07
N LEU C 178 31.31 -21.48 -9.17
CA LEU C 178 30.30 -21.35 -10.21
C LEU C 178 30.93 -21.18 -11.58
N ASP C 179 30.27 -21.74 -12.59
CA ASP C 179 30.75 -21.65 -13.98
C ASP C 179 30.24 -20.34 -14.57
N ILE C 180 30.91 -19.27 -14.15
CA ILE C 180 30.57 -17.92 -14.69
C ILE C 180 31.90 -17.23 -15.00
N VAL C 181 31.86 -16.18 -15.79
CA VAL C 181 33.10 -15.41 -16.11
C VAL C 181 33.59 -14.75 -14.82
N ARG C 182 34.88 -14.53 -14.67
CA ARG C 182 35.46 -14.01 -13.40
C ARG C 182 34.93 -12.62 -13.05
N SER C 183 34.57 -11.83 -14.04
CA SER C 183 34.00 -10.49 -13.80
C SER C 183 32.73 -10.66 -12.97
N LEU C 184 31.94 -11.69 -13.27
CA LEU C 184 30.71 -11.96 -12.49
C LEU C 184 31.05 -12.35 -11.05
N TYR C 185 32.17 -13.01 -10.79
CA TYR C 185 32.45 -13.33 -9.36
C TYR C 185 32.65 -12.03 -8.58
N GLU C 186 33.33 -11.06 -9.18
CA GLU C 186 33.61 -9.79 -8.47
C GLU C 186 32.27 -9.13 -8.20
N ASP C 187 31.34 -9.24 -9.16
CA ASP C 187 30.01 -8.68 -8.95
C ASP C 187 29.29 -9.38 -7.81
N LEU C 188 29.34 -10.72 -7.81
CA LEU C 188 28.72 -11.49 -6.73
C LEU C 188 29.23 -11.04 -5.37
N GLU C 189 30.55 -10.85 -5.26
CA GLU C 189 31.16 -10.51 -3.98
C GLU C 189 31.01 -9.04 -3.62
N ASP C 190 30.43 -8.22 -4.51
CA ASP C 190 30.21 -6.80 -4.25
C ASP C 190 28.82 -6.59 -3.63
N HIS C 191 28.71 -7.00 -2.36
CA HIS C 191 27.39 -7.02 -1.67
C HIS C 191 26.81 -5.62 -1.48
N PRO C 192 25.47 -5.50 -1.34
CA PRO C 192 24.85 -4.21 -1.13
C PRO C 192 25.32 -3.54 0.18
N ASN C 193 25.73 -2.27 0.09
CA ASN C 193 26.24 -1.53 1.27
C ASN C 193 25.51 -0.21 1.40
N VAL C 194 24.92 0.06 2.57
CA VAL C 194 24.15 1.32 2.77
C VAL C 194 25.10 2.51 2.62
N GLN C 195 26.30 2.41 3.20
CA GLN C 195 27.26 3.55 3.16
C GLN C 195 27.68 3.85 1.71
N LYS C 196 27.87 2.82 0.89
CA LYS C 196 28.32 3.03 -0.51
C LYS C 196 27.19 3.74 -1.27
N ASP C 197 25.95 3.32 -1.05
CA ASP C 197 24.83 4.00 -1.69
C ASP C 197 24.72 5.44 -1.21
N LEU C 198 25.06 5.70 0.06
CA LEU C 198 24.96 7.06 0.58
C LEU C 198 25.87 8.01 -0.17
N GLU C 199 27.11 7.59 -0.45
CA GLU C 199 28.03 8.45 -1.20
C GLU C 199 27.49 8.81 -2.57
N ARG C 200 26.89 7.83 -3.26
CA ARG C 200 26.26 8.11 -4.55
C ARG C 200 25.13 9.12 -4.40
N LEU C 201 24.32 8.96 -3.34
CA LEU C 201 23.19 9.85 -3.14
C LEU C 201 23.65 11.28 -2.83
N THR C 202 24.72 11.43 -2.03
CA THR C 202 25.24 12.77 -1.77
C THR C 202 25.68 13.43 -3.07
N GLN C 203 26.30 12.67 -3.97
CA GLN C 203 26.73 13.23 -5.24
C GLN C 203 25.54 13.77 -6.03
N GLU C 204 24.41 13.06 -5.98
CA GLU C 204 23.21 13.52 -6.67
C GLU C 204 22.45 14.55 -5.82
N MET D 1 2.69 -11.79 13.27
CA MET D 1 1.55 -12.29 12.51
C MET D 1 0.59 -13.05 13.41
N ASP D 2 -0.65 -12.59 13.42
CA ASP D 2 -1.68 -13.20 14.26
C ASP D 2 -2.61 -14.05 13.40
N VAL D 3 -3.01 -15.19 13.95
CA VAL D 3 -4.04 -16.03 13.36
C VAL D 3 -5.28 -15.90 14.23
N PHE D 4 -6.43 -15.71 13.60
CA PHE D 4 -7.69 -15.52 14.32
C PHE D 4 -8.53 -16.78 14.22
N LEU D 5 -8.97 -17.27 15.38
CA LEU D 5 -9.48 -18.64 15.49
C LEU D 5 -10.80 -18.68 16.23
N MET D 6 -11.58 -19.71 15.90
CA MET D 6 -12.79 -20.10 16.63
C MET D 6 -12.53 -21.47 17.24
N ILE D 7 -12.55 -21.57 18.56
CA ILE D 7 -12.33 -22.83 19.25
C ILE D 7 -13.69 -23.38 19.63
N ARG D 8 -14.10 -24.47 18.99
CA ARG D 8 -15.49 -24.93 19.03
C ARG D 8 -15.61 -26.32 19.64
N ARG D 9 -16.46 -26.44 20.65
CA ARG D 9 -16.82 -27.72 21.26
C ARG D 9 -18.32 -27.70 21.56
N HIS D 10 -19.06 -28.66 21.02
CA HIS D 10 -20.50 -28.78 21.23
C HIS D 10 -21.17 -27.49 20.77
N LYS D 11 -21.96 -26.81 21.61
CA LYS D 11 -22.62 -25.56 21.29
C LYS D 11 -21.79 -24.35 21.67
N THR D 12 -20.54 -24.54 22.10
CA THR D 12 -19.69 -23.47 22.59
C THR D 12 -18.67 -23.09 21.51
N THR D 13 -18.59 -21.79 21.21
CA THR D 13 -17.61 -21.27 20.26
C THR D 13 -16.88 -20.09 20.88
N ILE D 14 -15.55 -20.19 20.92
CA ILE D 14 -14.69 -19.18 21.54
C ILE D 14 -13.97 -18.42 20.44
N PHE D 15 -14.14 -17.10 20.42
CA PHE D 15 -13.43 -16.23 19.48
C PHE D 15 -12.18 -15.69 20.17
N THR D 16 -11.01 -16.16 19.74
CA THR D 16 -9.73 -15.71 20.27
C THR D 16 -8.74 -15.53 19.14
N ASP D 17 -7.63 -14.85 19.45
CA ASP D 17 -6.50 -14.74 18.54
C ASP D 17 -5.27 -15.37 19.19
N ALA D 18 -4.29 -15.67 18.35
CA ALA D 18 -2.99 -16.13 18.82
C ALA D 18 -1.96 -15.79 17.76
N LYS D 19 -0.69 -15.80 18.17
CA LYS D 19 0.37 -15.61 17.20
C LYS D 19 0.55 -16.87 16.37
N GLU D 20 0.99 -16.67 15.13
CA GLU D 20 1.30 -17.82 14.28
C GLU D 20 2.48 -18.62 14.83
N SER D 21 3.33 -17.98 15.63
CA SER D 21 4.50 -18.60 16.21
C SER D 21 4.25 -19.14 17.62
N SER D 22 2.99 -19.28 18.00
CA SER D 22 2.64 -19.79 19.35
C SER D 22 2.34 -21.29 19.28
N THR D 23 2.73 -22.05 20.30
CA THR D 23 2.48 -23.53 20.33
C THR D 23 1.00 -23.81 20.59
N VAL D 24 0.51 -24.97 20.16
CA VAL D 24 -0.90 -25.35 20.46
C VAL D 24 -1.05 -25.53 21.97
N PHE D 25 0.03 -25.89 22.66
CA PHE D 25 -0.03 -26.00 24.11
C PHE D 25 -0.35 -24.65 24.74
N GLU D 26 0.27 -23.58 24.25
CA GLU D 26 -0.09 -22.24 24.71
C GLU D 26 -1.56 -21.95 24.43
N LEU D 27 -2.05 -22.35 23.26
CA LEU D 27 -3.47 -22.19 22.96
C LEU D 27 -4.33 -22.98 23.94
N LYS D 28 -3.90 -24.19 24.29
CA LYS D 28 -4.58 -24.94 25.34
C LYS D 28 -4.56 -24.20 26.66
N ARG D 29 -3.47 -23.47 26.94
CA ARG D 29 -3.40 -22.64 28.14
C ARG D 29 -4.39 -21.48 28.06
N ILE D 30 -4.50 -20.84 26.89
CA ILE D 30 -5.51 -19.81 26.70
C ILE D 30 -6.90 -20.39 26.92
N VAL D 31 -7.16 -21.58 26.36
CA VAL D 31 -8.44 -22.25 26.58
C VAL D 31 -8.64 -22.54 28.07
N GLU D 32 -7.55 -22.75 28.80
CA GLU D 32 -7.68 -23.09 30.22
C GLU D 32 -8.22 -21.91 31.03
N GLY D 33 -7.77 -20.69 30.71
CA GLY D 33 -8.34 -19.53 31.38
C GLY D 33 -9.82 -19.37 31.10
N ILE D 34 -10.27 -19.79 29.92
CA ILE D 34 -11.61 -19.51 29.44
C ILE D 34 -12.60 -20.56 29.93
N LEU D 35 -12.31 -21.83 29.67
CA LEU D 35 -13.21 -22.92 30.04
C LEU D 35 -12.74 -23.67 31.29
N LYS D 36 -11.76 -23.12 32.01
CA LYS D 36 -11.35 -23.61 33.33
C LYS D 36 -11.09 -25.13 33.33
N ARG D 37 -10.28 -25.59 32.36
CA ARG D 37 -9.91 -27.00 32.29
C ARG D 37 -8.47 -27.15 31.78
N PRO D 38 -7.57 -27.75 32.56
CA PRO D 38 -6.14 -27.76 32.24
C PRO D 38 -5.81 -28.51 30.96
N PRO D 39 -4.64 -28.25 30.37
CA PRO D 39 -4.32 -28.76 29.02
C PRO D 39 -4.34 -30.27 28.86
N ASP D 40 -3.94 -31.04 29.88
CA ASP D 40 -3.93 -32.49 29.68
C ASP D 40 -5.34 -33.06 29.55
N GLU D 41 -6.38 -32.22 29.64
CA GLU D 41 -7.76 -32.64 29.46
C GLU D 41 -8.36 -32.09 28.16
N GLN D 42 -7.53 -31.66 27.20
CA GLN D 42 -8.02 -31.13 25.93
C GLN D 42 -7.27 -31.72 24.75
N ARG D 43 -8.00 -32.01 23.67
CA ARG D 43 -7.43 -32.30 22.35
C ARG D 43 -7.88 -31.24 21.37
N LEU D 44 -6.91 -30.44 20.92
CA LEU D 44 -7.21 -29.41 19.90
C LEU D 44 -7.05 -30.08 18.54
N TYR D 45 -8.02 -29.88 17.65
CA TYR D 45 -7.98 -30.60 16.35
C TYR D 45 -8.10 -29.64 15.18
N LYS D 46 -7.18 -29.70 14.21
CA LYS D 46 -7.39 -28.93 12.97
C LYS D 46 -8.09 -29.95 12.08
N ASP D 47 -9.37 -29.72 11.76
CA ASP D 47 -10.13 -30.78 11.06
C ASP D 47 -10.09 -32.02 11.95
N ASP D 48 -9.64 -33.16 11.43
CA ASP D 48 -9.63 -34.42 12.22
C ASP D 48 -8.22 -34.72 12.74
N GLN D 49 -7.29 -33.78 12.60
CA GLN D 49 -5.87 -34.05 12.99
C GLN D 49 -5.62 -33.57 14.43
N LEU D 50 -5.17 -34.46 15.29
CA LEU D 50 -4.82 -34.06 16.68
C LEU D 50 -3.54 -33.24 16.62
N LEU D 51 -3.59 -32.01 17.13
CA LEU D 51 -2.40 -31.11 17.09
C LEU D 51 -1.47 -31.47 18.23
N ASP D 52 -0.20 -31.77 17.93
CA ASP D 52 0.80 -32.04 19.00
C ASP D 52 1.05 -30.75 19.78
N ASP D 53 1.25 -30.84 21.10
CA ASP D 53 1.38 -29.64 21.95
C ASP D 53 2.59 -28.80 21.53
N GLY D 54 3.72 -29.43 21.23
CA GLY D 54 4.96 -28.73 20.85
C GLY D 54 4.81 -27.94 19.55
N LYS D 55 4.05 -28.46 18.60
CA LYS D 55 3.94 -27.81 17.26
C LYS D 55 3.34 -26.41 17.37
N THR D 56 3.86 -25.46 16.58
CA THR D 56 3.31 -24.07 16.55
C THR D 56 2.08 -24.03 15.64
N LEU D 57 1.21 -23.03 15.82
CA LEU D 57 -0.03 -22.93 15.01
C LEU D 57 0.33 -22.85 13.53
N GLY D 58 1.35 -22.07 13.18
CA GLY D 58 1.81 -22.04 11.79
C GLY D 58 2.07 -23.43 11.24
N GLU D 59 2.81 -24.25 12.02
CA GLU D 59 3.21 -25.60 11.52
C GLU D 59 1.97 -26.48 11.29
N CYS D 60 0.85 -26.18 11.95
CA CYS D 60 -0.35 -27.04 11.83
C CYS D 60 -1.21 -26.61 10.65
N GLY D 61 -0.81 -25.56 9.93
CA GLY D 61 -1.57 -25.06 8.79
C GLY D 61 -2.34 -23.78 9.06
N PHE D 62 -2.25 -23.23 10.27
CA PHE D 62 -2.91 -21.97 10.59
C PHE D 62 -2.00 -20.83 10.19
N THR D 63 -2.39 -20.08 9.15
CA THR D 63 -1.62 -18.95 8.68
C THR D 63 -2.52 -17.73 8.59
N SER D 64 -1.89 -16.56 8.47
CA SER D 64 -2.63 -15.30 8.53
C SER D 64 -3.66 -15.21 7.41
N GLN D 65 -3.33 -15.73 6.23
CA GLN D 65 -4.29 -15.72 5.14
C GLN D 65 -5.45 -16.68 5.40
N THR D 66 -5.21 -17.81 6.08
CA THR D 66 -6.31 -18.72 6.35
C THR D 66 -7.10 -18.31 7.58
N ALA D 67 -6.46 -17.66 8.55
CA ALA D 67 -7.08 -17.31 9.81
C ALA D 67 -7.21 -15.79 9.90
N ARG D 68 -8.19 -15.25 9.15
CA ARG D 68 -8.42 -13.81 9.10
C ARG D 68 -9.51 -13.39 10.08
N PRO D 69 -9.48 -12.15 10.56
CA PRO D 69 -10.46 -11.72 11.57
C PRO D 69 -11.90 -11.85 11.10
N GLN D 70 -12.16 -11.50 9.84
CA GLN D 70 -13.48 -11.60 9.25
C GLN D 70 -13.85 -13.01 8.82
N ALA D 71 -12.91 -13.95 8.91
CA ALA D 71 -13.12 -15.31 8.46
C ALA D 71 -12.18 -16.24 9.22
N PRO D 72 -12.40 -16.44 10.52
CA PRO D 72 -11.43 -17.16 11.34
C PRO D 72 -11.43 -18.66 11.09
N ALA D 73 -10.29 -19.26 11.41
CA ALA D 73 -10.12 -20.71 11.30
C ALA D 73 -10.72 -21.41 12.51
N THR D 74 -11.23 -22.61 12.28
CA THR D 74 -11.85 -23.40 13.33
C THR D 74 -10.85 -24.43 13.84
N VAL D 75 -10.57 -24.39 15.13
CA VAL D 75 -9.82 -25.43 15.83
C VAL D 75 -10.78 -26.14 16.76
N GLY D 76 -10.88 -27.46 16.62
CA GLY D 76 -11.88 -28.21 17.36
C GLY D 76 -11.36 -28.59 18.75
N LEU D 77 -12.27 -28.57 19.72
CA LEU D 77 -11.95 -28.86 21.11
C LEU D 77 -12.69 -30.11 21.57
N ALA D 78 -11.99 -30.95 22.33
CA ALA D 78 -12.58 -32.15 22.92
C ALA D 78 -12.09 -32.27 24.36
N PHE D 79 -12.97 -32.73 25.24
CA PHE D 79 -12.69 -32.81 26.67
C PHE D 79 -12.54 -34.26 27.13
N ARG D 80 -11.69 -34.45 28.14
CA ARG D 80 -11.50 -35.76 28.75
C ARG D 80 -12.48 -35.91 29.91
N ALA D 81 -13.45 -36.79 29.74
CA ALA D 81 -14.37 -37.10 30.83
C ALA D 81 -14.06 -38.46 31.42
N ASP D 83 -10.85 -40.13 32.29
CA ASP D 83 -9.63 -40.75 31.76
C ASP D 83 -9.78 -41.15 30.30
N THR D 84 -10.88 -40.74 29.67
CA THR D 84 -11.13 -41.07 28.27
C THR D 84 -11.67 -39.83 27.56
N PHE D 85 -10.91 -39.36 26.58
CA PHE D 85 -11.34 -38.28 25.72
C PHE D 85 -12.63 -38.64 24.98
N GLU D 86 -13.49 -37.65 24.78
CA GLU D 86 -14.77 -37.86 24.14
C GLU D 86 -14.61 -37.86 22.62
N ALA D 87 -15.73 -38.02 21.91
CA ALA D 87 -15.67 -37.92 20.43
C ALA D 87 -15.93 -36.46 20.06
N LEU D 88 -15.18 -35.94 19.09
CA LEU D 88 -15.34 -34.51 18.71
C LEU D 88 -16.79 -34.35 18.23
N CYS D 89 -17.50 -33.35 18.76
CA CYS D 89 -18.92 -33.14 18.40
C CYS D 89 -19.19 -31.64 18.28
N ILE D 90 -18.68 -31.00 17.25
CA ILE D 90 -18.97 -29.61 17.00
C ILE D 90 -20.35 -29.55 16.37
N GLU D 91 -21.32 -29.00 17.08
CA GLU D 91 -22.67 -28.90 16.53
C GLU D 91 -22.72 -27.79 15.48
N PRO D 92 -23.46 -27.98 14.40
CA PRO D 92 -23.47 -26.97 13.34
C PRO D 92 -24.25 -25.73 13.76
N PHE D 93 -24.01 -24.64 13.04
CA PHE D 93 -24.79 -23.44 13.24
C PHE D 93 -26.12 -23.55 12.48
N SER D 94 -27.03 -22.62 12.78
CA SER D 94 -28.32 -22.59 12.10
C SER D 94 -28.13 -22.23 10.62
N SER D 95 -29.23 -22.22 9.88
CA SER D 95 -29.14 -22.03 8.44
C SER D 95 -30.00 -20.85 8.00
N PRO D 96 -29.48 -20.02 7.09
CA PRO D 96 -30.25 -18.86 6.64
C PRO D 96 -31.47 -19.31 5.84
N PRO D 97 -32.55 -18.53 5.87
CA PRO D 97 -33.70 -18.82 5.00
C PRO D 97 -33.36 -18.56 3.55
N GLU D 98 -34.26 -18.99 2.68
CA GLU D 98 -34.05 -18.85 1.24
C GLU D 98 -34.02 -17.37 0.85
N LEU D 99 -33.23 -17.08 -0.18
CA LEU D 99 -33.01 -15.70 -0.59
C LEU D 99 -34.31 -15.08 -1.09
N PRO D 100 -34.70 -13.90 -0.60
CA PRO D 100 -35.85 -13.22 -1.18
C PRO D 100 -35.68 -13.02 -2.68
N ASP D 101 -36.80 -12.99 -3.39
CA ASP D 101 -36.75 -12.90 -4.86
C ASP D 101 -36.13 -11.57 -5.30
N VAL D 102 -36.43 -10.50 -4.60
CA VAL D 102 -35.85 -9.20 -4.87
C VAL D 102 -34.34 -9.19 -4.68
N MET D 103 -33.78 -10.22 -4.04
CA MET D 103 -32.33 -10.37 -3.88
C MET D 103 -31.78 -11.47 -4.78
N MET E 1 -8.52 -10.91 27.32
CA MET E 1 -8.77 -10.36 28.64
C MET E 1 -9.96 -11.07 29.29
N MET E 2 -10.86 -10.27 29.85
CA MET E 2 -12.13 -10.81 30.34
C MET E 2 -12.99 -11.25 29.16
N TYR E 3 -13.61 -12.41 29.28
CA TYR E 3 -14.42 -12.97 28.21
C TYR E 3 -15.90 -12.97 28.63
N VAL E 4 -16.76 -12.58 27.70
CA VAL E 4 -18.20 -12.53 27.90
C VAL E 4 -18.84 -13.59 27.02
N LYS E 5 -19.91 -14.22 27.52
CA LYS E 5 -20.64 -15.24 26.78
C LYS E 5 -21.90 -14.63 26.17
N LEU E 6 -22.08 -14.84 24.87
CA LEU E 6 -23.27 -14.40 24.15
C LEU E 6 -23.97 -15.63 23.62
N ILE E 7 -25.27 -15.73 23.90
CA ILE E 7 -26.06 -16.91 23.62
C ILE E 7 -27.09 -16.57 22.55
N SER E 8 -27.17 -17.40 21.51
CA SER E 8 -28.07 -17.15 20.40
C SER E 8 -29.46 -17.69 20.72
N SER E 9 -30.40 -17.47 19.79
CA SER E 9 -31.76 -17.97 19.98
C SER E 9 -31.83 -19.48 19.91
N ASP E 10 -30.83 -20.14 19.33
CA ASP E 10 -30.80 -21.60 19.23
C ASP E 10 -29.82 -22.23 20.20
N GLY E 11 -29.52 -21.54 21.30
CA GLY E 11 -28.76 -22.11 22.39
C GLY E 11 -27.25 -21.99 22.26
N HIS E 12 -26.74 -21.72 21.06
CA HIS E 12 -25.29 -21.68 20.86
C HIS E 12 -24.65 -20.60 21.73
N GLU E 13 -23.45 -20.88 22.22
CA GLU E 13 -22.77 -20.04 23.20
C GLU E 13 -21.49 -19.51 22.58
N PHE E 14 -21.42 -18.19 22.38
CA PHE E 14 -20.27 -17.52 21.79
C PHE E 14 -19.54 -16.74 22.87
N ILE E 15 -18.26 -17.00 23.03
CA ILE E 15 -17.44 -16.39 24.08
C ILE E 15 -16.42 -15.48 23.41
N VAL E 16 -16.59 -14.18 23.59
CA VAL E 16 -15.73 -13.16 23.02
C VAL E 16 -15.13 -12.32 24.15
N LYS E 17 -14.02 -11.64 23.84
CA LYS E 17 -13.45 -10.69 24.79
C LYS E 17 -14.42 -9.55 25.02
N ARG E 18 -14.44 -9.04 26.26
CA ARG E 18 -15.40 -8.01 26.63
C ARG E 18 -15.22 -6.75 25.78
N GLU E 19 -13.97 -6.34 25.55
CA GLU E 19 -13.73 -5.15 24.75
C GLU E 19 -14.26 -5.31 23.33
N HIS E 20 -14.19 -6.52 22.78
CA HIS E 20 -14.79 -6.77 21.48
C HIS E 20 -16.31 -6.67 21.55
N ALA E 21 -16.92 -7.32 22.55
CA ALA E 21 -18.38 -7.32 22.68
C ALA E 21 -18.92 -5.91 22.88
N LEU E 22 -18.20 -5.07 23.59
CA LEU E 22 -18.67 -3.71 23.86
C LEU E 22 -18.62 -2.81 22.63
N THR E 23 -18.15 -3.33 21.49
CA THR E 23 -18.37 -2.67 20.20
C THR E 23 -19.85 -2.42 19.95
N SER E 24 -20.72 -3.29 20.46
CA SER E 24 -22.16 -3.12 20.32
C SER E 24 -22.70 -2.28 21.47
N GLY E 25 -23.40 -1.21 21.13
CA GLY E 25 -24.00 -0.38 22.15
C GLY E 25 -25.04 -1.12 22.98
N THR E 26 -25.84 -1.97 22.34
CA THR E 26 -26.83 -2.74 23.08
C THR E 26 -26.16 -3.64 24.11
N ILE E 27 -25.14 -4.38 23.69
CA ILE E 27 -24.41 -5.23 24.64
C ILE E 27 -23.69 -4.37 25.68
N LYS E 28 -23.30 -3.15 25.32
CA LYS E 28 -22.73 -2.24 26.31
C LYS E 28 -23.74 -1.95 27.42
N ALA E 29 -24.98 -1.65 27.04
CA ALA E 29 -26.03 -1.46 28.03
C ALA E 29 -26.25 -2.73 28.85
N MET E 30 -26.52 -3.84 28.17
CA MET E 30 -26.90 -5.09 28.84
C MET E 30 -25.86 -5.60 29.82
N LEU E 31 -24.66 -5.03 29.84
CA LEU E 31 -23.62 -5.44 30.77
C LEU E 31 -23.42 -4.45 31.91
N SER E 32 -24.21 -3.38 31.97
CA SER E 32 -24.15 -2.45 33.08
C SER E 32 -25.51 -1.79 33.30
N THR E 42 -22.15 -8.86 35.48
CA THR E 42 -22.86 -9.59 34.44
C THR E 42 -21.91 -9.96 33.29
N ASN E 43 -21.80 -11.26 33.02
CA ASN E 43 -20.88 -11.77 32.01
C ASN E 43 -21.56 -12.65 30.96
N GLU E 44 -22.87 -12.82 31.03
CA GLU E 44 -23.64 -13.65 30.11
C GLU E 44 -24.79 -12.82 29.57
N VAL E 45 -25.07 -12.94 28.26
CA VAL E 45 -26.06 -12.11 27.59
C VAL E 45 -26.81 -12.95 26.58
N ASN E 46 -28.13 -12.99 26.69
CA ASN E 46 -28.98 -13.87 25.90
C ASN E 46 -29.79 -13.10 24.88
N PHE E 47 -29.70 -13.52 23.62
CA PHE E 47 -30.47 -12.94 22.53
C PHE E 47 -31.50 -13.95 22.06
N ARG E 48 -32.76 -13.71 22.43
CA ARG E 48 -33.86 -14.61 22.07
C ARG E 48 -34.33 -14.45 20.64
N GLU E 49 -33.78 -13.51 19.88
CA GLU E 49 -34.23 -13.26 18.52
C GLU E 49 -33.09 -13.27 17.50
N ILE E 50 -31.91 -13.76 17.86
CA ILE E 50 -30.76 -13.71 16.96
C ILE E 50 -30.16 -15.11 16.81
N PRO E 51 -30.30 -15.72 15.64
CA PRO E 51 -29.86 -17.10 15.47
C PRO E 51 -28.34 -17.22 15.35
N SER E 52 -27.84 -18.41 15.69
CA SER E 52 -26.41 -18.67 15.77
C SER E 52 -25.68 -18.40 14.46
N HIS E 53 -26.37 -18.40 13.32
CA HIS E 53 -25.64 -18.09 12.10
C HIS E 53 -25.46 -16.58 11.94
N VAL E 54 -26.39 -15.79 12.49
CA VAL E 54 -26.20 -14.34 12.49
C VAL E 54 -25.27 -13.91 13.63
N LEU E 55 -25.47 -14.44 14.83
CA LEU E 55 -24.63 -14.07 15.96
C LEU E 55 -23.16 -14.41 15.72
N SER E 56 -22.89 -15.52 15.02
CA SER E 56 -21.51 -15.85 14.69
C SER E 56 -20.87 -14.80 13.80
N LYS E 57 -21.61 -14.30 12.80
CA LYS E 57 -21.10 -13.24 11.95
C LYS E 57 -20.90 -11.94 12.74
N VAL E 58 -21.83 -11.63 13.65
CA VAL E 58 -21.66 -10.46 14.53
C VAL E 58 -20.36 -10.55 15.29
N CYS E 59 -20.07 -11.73 15.84
CA CYS E 59 -18.83 -11.92 16.58
C CYS E 59 -17.60 -11.79 15.68
N MET E 60 -17.72 -12.20 14.42
CA MET E 60 -16.62 -11.98 13.48
C MET E 60 -16.46 -10.51 13.14
N TYR E 61 -17.55 -9.76 13.05
CA TYR E 61 -17.42 -8.31 12.89
C TYR E 61 -16.68 -7.69 14.08
N PHE E 62 -16.99 -8.13 15.29
CA PHE E 62 -16.32 -7.60 16.47
C PHE E 62 -14.80 -7.72 16.34
N THR E 63 -14.28 -8.91 16.06
CA THR E 63 -12.83 -9.09 15.98
C THR E 63 -12.23 -8.33 14.80
N TYR E 64 -13.00 -8.17 13.71
CA TYR E 64 -12.52 -7.38 12.57
C TYR E 64 -12.44 -5.90 12.91
N LYS E 65 -13.47 -5.36 13.58
CA LYS E 65 -13.42 -3.96 14.01
C LYS E 65 -12.22 -3.69 14.92
N VAL E 66 -12.02 -4.53 15.94
CA VAL E 66 -10.95 -4.28 16.90
C VAL E 66 -9.57 -4.44 16.26
N ARG E 67 -9.46 -5.29 15.24
CA ARG E 67 -8.16 -5.48 14.59
C ARG E 67 -7.87 -4.38 13.57
N TYR E 68 -8.89 -3.86 12.89
CA TYR E 68 -8.63 -2.96 11.78
C TYR E 68 -8.95 -1.50 12.06
N THR E 69 -9.65 -1.21 13.16
CA THR E 69 -9.87 0.18 13.58
C THR E 69 -8.51 0.75 13.91
N ASN E 70 -8.21 1.94 13.38
CA ASN E 70 -6.88 2.56 13.59
C ASN E 70 -5.77 1.66 13.06
N SER E 71 -5.97 1.06 11.90
CA SER E 71 -4.86 0.32 11.27
C SER E 71 -4.10 1.32 10.41
N SER E 72 -2.84 1.04 10.11
CA SER E 72 -2.05 1.90 9.24
C SER E 72 -2.21 1.50 7.78
N THR E 73 -2.23 0.20 7.50
CA THR E 73 -2.21 -0.29 6.12
C THR E 73 -3.66 -0.46 5.62
N GLU E 74 -3.84 -1.26 4.57
CA GLU E 74 -5.15 -1.45 3.96
C GLU E 74 -6.06 -2.32 4.83
N ILE E 75 -7.36 -2.11 4.69
CA ILE E 75 -8.39 -2.82 5.45
C ILE E 75 -9.16 -3.71 4.48
N PRO E 76 -9.27 -5.01 4.74
CA PRO E 76 -10.07 -5.86 3.84
C PRO E 76 -11.56 -5.61 4.00
N GLU E 77 -12.29 -5.74 2.90
CA GLU E 77 -13.74 -5.67 2.95
C GLU E 77 -14.30 -6.77 3.85
N PHE E 78 -15.33 -6.45 4.62
CA PHE E 78 -15.97 -7.43 5.49
C PHE E 78 -17.01 -8.21 4.69
N PRO E 79 -16.89 -9.53 4.56
CA PRO E 79 -17.80 -10.28 3.69
C PRO E 79 -19.15 -10.55 4.33
N ILE E 80 -20.21 -10.43 3.52
CA ILE E 80 -21.57 -10.77 3.93
C ILE E 80 -22.24 -11.49 2.77
N ALA E 81 -22.38 -12.80 2.88
CA ALA E 81 -23.06 -13.55 1.84
C ALA E 81 -24.49 -13.06 1.70
N PRO E 82 -25.05 -13.09 0.48
CA PRO E 82 -26.41 -12.58 0.29
C PRO E 82 -27.43 -13.24 1.20
N GLU E 83 -27.29 -14.54 1.46
CA GLU E 83 -28.28 -15.28 2.21
C GLU E 83 -28.40 -14.84 3.66
N ILE E 84 -27.38 -14.15 4.20
CA ILE E 84 -27.43 -13.69 5.58
C ILE E 84 -27.59 -12.18 5.70
N ALA E 85 -27.67 -11.45 4.58
CA ALA E 85 -27.72 -9.99 4.63
C ALA E 85 -28.86 -9.49 5.49
N LEU E 86 -30.11 -9.77 5.14
CA LEU E 86 -31.27 -9.20 5.86
C LEU E 86 -31.18 -9.44 7.36
N GLU E 87 -30.87 -10.66 7.75
CA GLU E 87 -30.80 -10.96 9.19
C GLU E 87 -29.67 -10.17 9.86
N LEU E 88 -28.51 -10.06 9.21
CA LEU E 88 -27.38 -9.26 9.77
C LEU E 88 -27.75 -7.78 9.88
N LEU E 89 -28.47 -7.19 8.92
CA LEU E 89 -28.89 -5.79 9.06
C LEU E 89 -29.76 -5.62 10.31
N MET E 90 -30.76 -6.48 10.50
CA MET E 90 -31.68 -6.31 11.66
C MET E 90 -30.89 -6.48 12.95
N ALA E 91 -30.05 -7.51 12.99
CA ALA E 91 -29.25 -7.79 14.19
C ALA E 91 -28.31 -6.61 14.45
N ALA E 92 -27.75 -6.04 13.40
CA ALA E 92 -26.89 -4.85 13.57
C ALA E 92 -27.70 -3.69 14.14
N ASN E 93 -28.91 -3.48 13.64
CA ASN E 93 -29.77 -2.36 14.12
C ASN E 93 -30.10 -2.58 15.59
N PHE E 94 -30.47 -3.80 15.96
CA PHE E 94 -30.87 -4.09 17.36
C PHE E 94 -29.63 -3.96 18.22
N LEU E 95 -28.50 -4.43 17.70
CA LEU E 95 -27.29 -4.45 18.51
C LEU E 95 -26.53 -3.13 18.49
N ASP E 96 -26.84 -2.24 17.56
CA ASP E 96 -26.13 -0.96 17.43
C ASP E 96 -24.63 -1.17 17.23
N CYS E 97 -24.29 -2.15 16.41
CA CYS E 97 -22.89 -2.40 16.08
C CYS E 97 -22.59 -1.97 14.65
N PRO F 61 -16.25 29.02 3.72
CA PRO F 61 -16.56 27.89 4.62
C PRO F 61 -15.30 27.32 5.26
N VAL F 62 -15.46 26.53 6.33
CA VAL F 62 -14.28 25.99 7.06
C VAL F 62 -13.53 25.01 6.16
N LEU F 63 -14.26 24.15 5.44
CA LEU F 63 -13.60 23.12 4.61
C LEU F 63 -13.46 23.61 3.17
N ARG F 64 -12.27 24.12 2.81
CA ARG F 64 -12.01 24.64 1.48
C ARG F 64 -10.51 24.55 1.23
N SER F 65 -10.14 24.59 -0.03
CA SER F 65 -8.73 24.58 -0.39
C SER F 65 -8.16 25.99 -0.35
N VAL F 66 -6.86 26.08 -0.06
CA VAL F 66 -6.15 27.39 0.02
C VAL F 66 -5.54 27.66 -1.36
N ASN F 67 -5.81 28.82 -1.95
CA ASN F 67 -5.20 29.18 -3.25
C ASN F 67 -3.72 29.49 -3.01
N SER F 68 -2.91 28.45 -2.81
CA SER F 68 -1.48 28.64 -2.51
C SER F 68 -0.71 28.87 -3.80
N ARG F 69 -1.13 28.20 -4.87
CA ARG F 69 -0.43 28.29 -6.18
C ARG F 69 0.96 27.68 -6.05
N GLU F 70 1.18 26.87 -5.01
CA GLU F 70 2.45 26.18 -4.89
C GLU F 70 2.25 24.72 -5.29
N PRO F 71 2.78 24.27 -6.43
CA PRO F 71 2.67 22.87 -6.80
C PRO F 71 3.15 21.82 -5.80
N SER F 72 2.34 20.80 -5.55
CA SER F 72 2.74 19.65 -4.69
C SER F 72 2.39 18.38 -5.44
N GLN F 73 3.38 17.58 -5.73
CA GLN F 73 3.12 16.29 -6.40
C GLN F 73 2.61 15.31 -5.35
N VAL F 74 1.46 14.71 -5.60
CA VAL F 74 0.85 13.77 -4.64
C VAL F 74 0.63 12.43 -5.34
N ILE F 75 0.86 11.33 -4.65
CA ILE F 75 0.61 9.98 -5.23
C ILE F 75 -0.74 9.45 -4.72
N PHE F 76 -1.75 9.44 -5.58
CA PHE F 76 -3.05 8.85 -5.19
C PHE F 76 -2.94 7.34 -5.39
N CYS F 77 -3.10 6.55 -4.33
CA CYS F 77 -2.94 5.11 -4.39
C CYS F 77 -4.16 4.43 -3.80
N ASN F 78 -4.83 3.62 -4.61
CA ASN F 78 -6.11 2.99 -4.25
C ASN F 78 -5.84 1.61 -3.66
N ARG F 79 -5.79 1.53 -2.34
CA ARG F 79 -5.64 0.26 -1.63
C ARG F 79 -6.98 -0.21 -1.05
N SER F 80 -8.02 -0.19 -1.85
CA SER F 80 -9.35 -0.66 -1.51
C SER F 80 -9.88 -1.51 -2.64
N PRO F 81 -10.87 -2.36 -2.38
CA PRO F 81 -11.49 -3.13 -3.47
C PRO F 81 -12.42 -2.30 -4.35
N ARG F 82 -12.73 -1.07 -3.97
CA ARG F 82 -13.70 -0.25 -4.68
C ARG F 82 -13.01 0.66 -5.70
N VAL F 83 -13.81 1.09 -6.68
CA VAL F 83 -13.37 2.12 -7.62
C VAL F 83 -13.51 3.46 -6.93
N VAL F 84 -12.40 4.19 -6.83
CA VAL F 84 -12.29 5.36 -5.97
C VAL F 84 -12.45 6.62 -6.82
N LEU F 85 -13.25 7.56 -6.32
CA LEU F 85 -13.40 8.87 -6.93
C LEU F 85 -12.70 9.91 -6.07
N PRO F 86 -11.57 10.50 -6.53
CA PRO F 86 -10.99 11.63 -5.83
C PRO F 86 -11.96 12.81 -5.92
N VAL F 87 -12.26 13.46 -4.81
CA VAL F 87 -13.10 14.63 -4.75
C VAL F 87 -12.27 15.76 -4.16
N TRP F 88 -12.20 16.86 -4.91
CA TRP F 88 -11.38 18.03 -4.49
C TRP F 88 -12.29 19.16 -4.03
N LEU F 89 -12.15 19.54 -2.78
CA LEU F 89 -12.85 20.72 -2.28
C LEU F 89 -12.20 21.96 -2.87
N ASN F 90 -12.98 22.76 -3.58
CA ASN F 90 -12.41 23.91 -4.27
C ASN F 90 -12.26 25.07 -3.28
N PHE F 91 -11.90 26.25 -3.82
CA PHE F 91 -11.61 27.42 -2.96
C PHE F 91 -12.85 27.93 -2.23
N ASP F 92 -14.04 27.60 -2.70
CA ASP F 92 -15.28 27.96 -2.01
C ASP F 92 -15.89 26.79 -1.27
N GLY F 93 -15.14 25.69 -1.12
CA GLY F 93 -15.59 24.52 -0.40
C GLY F 93 -16.49 23.59 -1.17
N GLU F 94 -16.64 23.81 -2.45
CA GLU F 94 -17.59 22.99 -3.21
C GLU F 94 -16.91 21.78 -3.79
N PRO F 95 -17.47 20.58 -3.61
CA PRO F 95 -16.76 19.35 -3.99
C PRO F 95 -16.73 19.15 -5.51
N GLN F 96 -15.54 18.85 -6.02
CA GLN F 96 -15.29 18.74 -7.46
C GLN F 96 -14.78 17.35 -7.83
N PRO F 97 -15.54 16.58 -8.60
CA PRO F 97 -15.09 15.22 -8.95
C PRO F 97 -13.90 15.22 -9.90
N TYR F 98 -13.03 14.24 -9.71
CA TYR F 98 -11.81 14.12 -10.53
C TYR F 98 -11.74 12.68 -11.07
N PRO F 99 -10.91 12.37 -12.07
CA PRO F 99 -10.87 11.02 -12.64
C PRO F 99 -10.75 9.85 -11.65
N THR F 100 -11.46 8.74 -11.90
CA THR F 100 -11.45 7.55 -11.02
C THR F 100 -10.15 6.76 -11.06
N LEU F 101 -9.90 5.98 -10.00
CA LEU F 101 -8.72 5.10 -9.92
C LEU F 101 -9.25 3.66 -9.71
N PRO F 102 -9.14 2.68 -10.65
CA PRO F 102 -9.60 1.31 -10.41
C PRO F 102 -8.88 0.70 -9.22
N PRO F 103 -9.40 -0.39 -8.65
CA PRO F 103 -8.74 -1.02 -7.50
C PRO F 103 -7.28 -1.33 -7.78
N GLY F 104 -6.42 -0.97 -6.82
CA GLY F 104 -5.02 -1.30 -6.87
C GLY F 104 -4.14 -0.37 -7.67
N THR F 105 -4.70 0.45 -8.56
CA THR F 105 -3.85 1.34 -9.33
C THR F 105 -3.47 2.56 -8.51
N GLY F 106 -2.38 3.18 -8.93
CA GLY F 106 -1.87 4.38 -8.29
C GLY F 106 -1.32 5.38 -9.27
N ARG F 107 -1.68 6.64 -9.04
CA ARG F 107 -1.30 7.70 -10.00
C ARG F 107 -0.60 8.86 -9.30
N ARG F 108 0.47 9.37 -9.90
CA ARG F 108 1.14 10.59 -9.40
C ARG F 108 0.41 11.77 -10.02
N ILE F 109 -0.29 12.53 -9.18
CA ILE F 109 -1.10 13.67 -9.69
C ILE F 109 -0.41 14.97 -9.29
N HIS F 110 -0.76 16.05 -9.98
CA HIS F 110 -0.22 17.38 -9.62
C HIS F 110 -1.31 18.14 -8.87
N SER F 111 -1.07 18.45 -7.61
CA SER F 111 -2.03 19.24 -6.80
C SER F 111 -1.29 20.45 -6.25
N TYR F 112 -1.82 21.10 -5.23
CA TYR F 112 -1.20 22.34 -4.71
C TYR F 112 -1.19 22.32 -3.18
N ARG F 113 -0.31 23.12 -2.56
CA ARG F 113 -0.19 23.12 -1.11
C ARG F 113 -1.47 23.63 -0.46
N GLY F 114 -1.87 22.97 0.62
CA GLY F 114 -3.09 23.32 1.33
C GLY F 114 -4.37 22.88 0.68
N HIS F 115 -4.28 22.15 -0.41
CA HIS F 115 -5.49 21.73 -1.16
C HIS F 115 -6.20 20.54 -0.51
N LEU F 116 -7.41 20.77 -0.03
CA LEU F 116 -8.18 19.71 0.59
C LEU F 116 -8.63 18.68 -0.45
N TRP F 117 -8.73 17.43 -0.01
CA TRP F 117 -9.18 16.33 -0.90
C TRP F 117 -9.85 15.25 -0.07
N LEU F 118 -10.93 14.66 -0.56
CA LEU F 118 -11.52 13.47 0.04
C LEU F 118 -11.85 12.45 -1.05
N PHE F 119 -12.11 11.21 -0.63
CA PHE F 119 -12.19 10.07 -1.54
C PHE F 119 -13.40 9.20 -1.23
N ARG F 120 -14.24 8.97 -2.23
CA ARG F 120 -15.43 8.14 -2.08
C ARG F 120 -15.44 7.05 -3.12
N ASP F 121 -16.14 5.96 -2.81
CA ASP F 121 -16.48 4.95 -3.81
C ASP F 121 -17.17 5.63 -4.97
N ALA F 122 -16.71 5.31 -6.19
CA ALA F 122 -17.22 6.01 -7.37
C ALA F 122 -18.66 5.62 -7.69
N GLY F 123 -19.05 4.39 -7.37
CA GLY F 123 -20.38 3.93 -7.72
C GLY F 123 -21.48 4.38 -6.77
N THR F 124 -21.22 4.24 -5.48
CA THR F 124 -22.24 4.45 -4.44
C THR F 124 -21.97 5.66 -3.56
N HIS F 125 -20.82 6.31 -3.70
CA HIS F 125 -20.38 7.44 -2.89
C HIS F 125 -20.14 7.06 -1.42
N ASP F 126 -20.05 5.76 -1.12
CA ASP F 126 -19.56 5.31 0.18
C ASP F 126 -18.25 6.00 0.52
N GLY F 127 -18.11 6.43 1.77
CA GLY F 127 -16.92 7.14 2.18
C GLY F 127 -15.73 6.21 2.33
N LEU F 128 -14.54 6.75 2.03
CA LEU F 128 -13.30 6.03 2.16
C LEU F 128 -12.31 6.87 2.95
N LEU F 129 -11.25 6.23 3.37
CA LEU F 129 -10.24 6.91 4.21
C LEU F 129 -8.96 7.13 3.44
N VAL F 130 -8.21 8.12 3.84
CA VAL F 130 -6.91 8.44 3.24
C VAL F 130 -5.93 8.75 4.36
N ASN F 131 -4.83 8.00 4.43
CA ASN F 131 -3.82 8.13 5.48
C ASN F 131 -4.47 8.13 6.86
N GLN F 132 -5.41 7.22 7.08
CA GLN F 132 -6.12 7.02 8.38
C GLN F 132 -7.15 8.09 8.70
N THR F 133 -7.30 9.10 7.84
CA THR F 133 -8.23 10.19 8.12
C THR F 133 -9.26 10.33 7.01
N GLU F 134 -10.23 11.21 7.23
CA GLU F 134 -11.28 11.44 6.25
C GLU F 134 -10.84 12.38 5.13
N LEU F 135 -10.03 13.37 5.52
CA LEU F 135 -9.59 14.42 4.56
C LEU F 135 -8.07 14.37 4.40
N PHE F 136 -7.58 14.79 3.24
CA PHE F 136 -6.15 14.78 2.92
C PHE F 136 -5.73 16.18 2.49
N VAL F 137 -4.86 16.80 3.27
CA VAL F 137 -4.28 18.11 2.88
C VAL F 137 -2.80 17.83 2.67
N PRO F 138 -2.28 17.85 1.42
CA PRO F 138 -0.90 17.56 1.15
C PRO F 138 0.10 18.31 2.02
N SER F 139 1.03 17.57 2.62
CA SER F 139 2.10 18.21 3.42
C SER F 139 3.08 18.91 2.49
N LEU F 140 4.14 19.49 3.05
CA LEU F 140 5.07 20.29 2.20
C LEU F 140 6.01 19.37 1.42
N ASN F 141 5.98 19.48 0.09
CA ASN F 141 6.92 18.69 -0.74
C ASN F 141 8.35 19.00 -0.28
N VAL F 142 9.07 17.98 0.20
CA VAL F 142 10.47 18.15 0.67
C VAL F 142 11.44 17.61 -0.39
N ASP F 143 12.28 18.48 -0.93
CA ASP F 143 13.26 18.09 -1.97
C ASP F 143 12.58 17.43 -3.16
N GLY F 144 11.41 17.94 -3.54
CA GLY F 144 10.70 17.40 -4.69
C GLY F 144 10.18 15.99 -4.54
N GLN F 145 10.27 15.40 -3.33
CA GLN F 145 9.74 14.05 -3.13
C GLN F 145 8.21 14.11 -3.02
N PRO F 146 7.49 13.24 -3.78
CA PRO F 146 6.05 13.19 -3.73
C PRO F 146 5.42 12.87 -2.39
N ILE F 147 4.27 13.46 -2.10
CA ILE F 147 3.52 13.09 -0.86
C ILE F 147 2.64 11.89 -1.22
N PHE F 148 2.54 10.89 -0.34
CA PHE F 148 1.78 9.67 -0.67
C PHE F 148 0.42 9.67 0.04
N ALA F 149 -0.65 9.40 -0.71
CA ALA F 149 -2.00 9.31 -0.12
C ALA F 149 -2.51 7.88 -0.27
N ASN F 150 -2.54 7.13 0.82
CA ASN F 150 -3.00 5.75 0.79
C ASN F 150 -4.51 5.72 1.02
N ILE F 151 -5.27 5.46 -0.05
CA ILE F 151 -6.72 5.42 0.01
C ILE F 151 -7.14 4.00 0.35
N THR F 152 -7.75 3.82 1.53
CA THR F 152 -8.20 2.52 2.00
C THR F 152 -9.68 2.60 2.38
N LEU F 153 -10.27 1.42 2.61
CA LEU F 153 -11.59 1.37 3.20
C LEU F 153 -11.52 1.82 4.67
N PRO F 154 -12.60 2.34 5.21
CA PRO F 154 -12.69 2.47 6.66
C PRO F 154 -13.23 1.19 7.27
N VAL F 155 -13.37 1.17 8.58
CA VAL F 155 -14.12 0.12 9.26
C VAL F 155 -15.55 0.63 9.35
N TYR F 156 -16.37 0.25 8.37
CA TYR F 156 -17.78 0.61 8.40
C TYR F 156 -18.45 -0.06 9.61
N THR F 157 -19.48 0.59 10.14
CA THR F 157 -20.31 -0.07 11.13
C THR F 157 -21.01 -1.27 10.50
N LEU F 158 -21.31 -2.28 11.32
CA LEU F 158 -22.01 -3.44 10.80
C LEU F 158 -23.30 -3.04 10.10
N LYS F 159 -24.06 -2.10 10.67
CA LYS F 159 -25.30 -1.68 10.04
C LYS F 159 -25.05 -1.05 8.67
N GLU F 160 -24.03 -0.18 8.56
CA GLU F 160 -23.75 0.45 7.27
C GLU F 160 -23.26 -0.57 6.25
N ARG F 161 -22.43 -1.53 6.67
CA ARG F 161 -21.99 -2.59 5.76
C ARG F 161 -23.16 -3.41 5.24
N CYS F 162 -24.12 -3.72 6.11
CA CYS F 162 -25.29 -4.49 5.69
C CYS F 162 -26.20 -3.66 4.78
N LEU F 163 -26.49 -2.41 5.17
CA LEU F 163 -27.16 -1.50 4.24
C LEU F 163 -26.40 -1.43 2.93
N GLN F 164 -25.08 -1.26 2.99
CA GLN F 164 -24.25 -1.22 1.79
C GLN F 164 -24.49 -2.45 0.92
N VAL F 165 -24.43 -3.64 1.51
CA VAL F 165 -24.54 -4.88 0.74
C VAL F 165 -25.95 -5.02 0.18
N VAL F 166 -26.97 -4.88 1.04
CA VAL F 166 -28.35 -5.05 0.59
C VAL F 166 -28.66 -4.08 -0.54
N ARG F 167 -28.25 -2.82 -0.41
CA ARG F 167 -28.47 -1.81 -1.49
C ARG F 167 -27.93 -2.32 -2.81
N SER F 168 -26.88 -3.16 -2.78
CA SER F 168 -26.23 -3.62 -4.01
C SER F 168 -26.85 -4.91 -4.56
N LEU F 169 -27.69 -5.60 -3.79
CA LEU F 169 -28.41 -6.77 -4.28
C LEU F 169 -29.86 -6.46 -4.62
N VAL F 170 -30.35 -5.28 -4.26
CA VAL F 170 -31.78 -4.95 -4.29
C VAL F 170 -31.93 -3.62 -5.00
N LYS F 171 -32.59 -3.61 -6.15
CA LYS F 171 -32.93 -2.39 -6.85
C LYS F 171 -33.69 -1.46 -5.91
N PRO F 172 -33.52 -0.14 -6.01
CA PRO F 172 -34.13 0.76 -5.03
C PRO F 172 -35.65 0.65 -4.95
N GLU F 173 -36.33 0.41 -6.07
CA GLU F 173 -37.78 0.27 -6.03
C GLU F 173 -38.21 -0.93 -5.21
N ASN F 174 -37.32 -1.91 -5.00
CA ASN F 174 -37.64 -3.11 -4.23
C ASN F 174 -37.30 -3.00 -2.75
N TYR F 175 -36.86 -1.82 -2.31
CA TYR F 175 -36.48 -1.67 -0.87
C TYR F 175 -37.71 -1.97 -0.01
N ARG F 176 -38.90 -1.52 -0.42
CA ARG F 176 -40.10 -1.68 0.39
C ARG F 176 -40.61 -3.12 0.38
N ARG F 177 -40.33 -3.86 -0.70
CA ARG F 177 -40.78 -5.25 -0.77
C ARG F 177 -39.98 -6.14 0.17
N LEU F 178 -38.78 -5.71 0.54
CA LEU F 178 -37.99 -6.41 1.51
C LEU F 178 -38.75 -6.56 2.80
N ASP F 179 -38.62 -7.73 3.46
CA ASP F 179 -39.28 -7.96 4.78
C ASP F 179 -38.42 -7.45 5.94
N ILE F 180 -38.36 -6.15 6.14
CA ILE F 180 -37.55 -5.56 7.25
C ILE F 180 -38.38 -4.55 8.05
N VAL F 181 -37.94 -4.24 9.27
CA VAL F 181 -38.60 -3.20 10.06
C VAL F 181 -38.57 -1.87 9.33
N ARG F 182 -39.70 -1.14 9.37
CA ARG F 182 -39.88 0.03 8.53
C ARG F 182 -38.79 1.07 8.71
N SER F 183 -38.19 1.17 9.91
CA SER F 183 -37.12 2.13 10.10
C SER F 183 -35.88 1.77 9.29
N LEU F 184 -35.78 0.53 8.83
CA LEU F 184 -34.65 0.10 7.97
C LEU F 184 -34.92 0.47 6.52
N TYR F 185 -36.18 0.66 6.14
CA TYR F 185 -36.48 1.19 4.81
C TYR F 185 -35.87 2.58 4.66
N GLU F 186 -36.17 3.48 5.59
CA GLU F 186 -35.59 4.81 5.57
C GLU F 186 -34.07 4.75 5.64
N ASP F 187 -33.54 3.88 6.50
CA ASP F 187 -32.09 3.69 6.57
C ASP F 187 -31.53 3.30 5.21
N LEU F 188 -32.14 2.31 4.55
CA LEU F 188 -31.66 1.87 3.21
C LEU F 188 -31.75 3.04 2.23
N GLU F 189 -32.82 3.82 2.28
CA GLU F 189 -33.04 4.94 1.31
C GLU F 189 -32.11 6.14 1.60
N ASP F 190 -31.48 6.17 2.78
CA ASP F 190 -30.56 7.28 3.14
C ASP F 190 -29.21 6.97 2.50
N HIS F 191 -29.10 7.18 1.19
CA HIS F 191 -27.86 6.85 0.45
C HIS F 191 -26.73 7.82 0.83
N PRO F 192 -25.45 7.41 0.71
CA PRO F 192 -24.34 8.28 1.12
C PRO F 192 -24.29 9.60 0.34
N ASN F 193 -23.99 10.70 1.02
CA ASN F 193 -24.00 12.04 0.38
C ASN F 193 -22.77 12.82 0.83
N VAL F 194 -22.00 13.36 -0.12
CA VAL F 194 -20.78 14.10 0.22
C VAL F 194 -21.10 15.37 0.99
N GLN F 195 -22.10 16.13 0.54
CA GLN F 195 -22.39 17.41 1.21
C GLN F 195 -22.88 17.18 2.64
N LYS F 196 -23.69 16.14 2.86
CA LYS F 196 -24.06 15.77 4.23
C LYS F 196 -22.85 15.38 5.05
N ASP F 197 -21.87 14.70 4.44
CA ASP F 197 -20.65 14.35 5.15
C ASP F 197 -19.77 15.57 5.40
N LEU F 198 -19.76 16.53 4.47
CA LEU F 198 -19.03 17.77 4.68
C LEU F 198 -19.60 18.58 5.84
N GLU F 199 -20.91 18.46 6.08
CA GLU F 199 -21.52 19.19 7.19
C GLU F 199 -21.10 18.61 8.53
N ARG F 200 -21.17 17.28 8.67
CA ARG F 200 -20.69 16.66 9.91
C ARG F 200 -19.21 16.96 10.13
N LEU F 201 -18.40 16.88 9.07
CA LEU F 201 -16.94 17.09 9.23
C LEU F 201 -16.67 18.54 9.66
N THR F 202 -17.48 19.49 9.18
CA THR F 202 -17.28 20.92 9.53
C THR F 202 -17.48 21.11 11.04
N GLN F 203 -18.49 20.46 11.61
CA GLN F 203 -18.77 20.60 13.07
C GLN F 203 -17.57 20.07 13.86
N GLU F 204 -17.00 18.95 13.42
CA GLU F 204 -15.86 18.32 14.14
C GLU F 204 -14.66 19.29 14.12
N ARG F 205 -14.43 19.94 12.99
CA ARG F 205 -13.31 20.92 12.87
C ARG F 205 -13.55 22.08 13.84
N ILE F 206 -14.81 22.51 13.98
CA ILE F 206 -15.12 23.69 14.84
C ILE F 206 -14.71 23.36 16.28
N ALA F 207 -14.99 22.14 16.73
CA ALA F 207 -14.63 21.75 18.13
C ALA F 207 -13.27 21.03 18.12
N GLU G 3 16.61 -14.40 38.87
CA GLU G 3 16.70 -12.93 39.05
C GLU G 3 15.86 -12.21 38.00
N TYR G 4 15.13 -11.17 38.40
CA TYR G 4 14.29 -10.40 37.45
C TYR G 4 14.75 -8.94 37.47
N LYS G 5 14.97 -8.36 36.30
CA LYS G 5 15.52 -7.01 36.21
C LYS G 5 14.41 -6.05 35.80
N LEU G 6 14.00 -5.21 36.75
CA LEU G 6 12.87 -4.28 36.52
C LEU G 6 13.37 -2.84 36.50
N VAL G 7 12.95 -2.07 35.51
CA VAL G 7 13.38 -0.64 35.39
C VAL G 7 12.15 0.26 35.52
N VAL G 8 12.25 1.34 36.32
CA VAL G 8 11.07 2.20 36.62
C VAL G 8 11.19 3.51 35.86
N VAL G 9 10.63 3.57 34.65
CA VAL G 9 10.71 4.78 33.78
C VAL G 9 9.53 5.70 34.09
N GLY G 10 9.59 6.97 33.70
CA GLY G 10 8.51 7.90 34.05
C GLY G 10 8.96 9.35 34.03
N ALA G 11 8.05 10.30 34.21
CA ALA G 11 8.40 11.73 34.05
C ALA G 11 8.85 12.38 35.34
N ASP G 12 8.96 13.71 35.33
CA ASP G 12 9.38 14.43 36.53
C ASP G 12 8.25 14.48 37.56
N GLY G 13 8.62 14.38 38.83
CA GLY G 13 7.68 14.52 39.92
C GLY G 13 6.57 13.50 39.92
N VAL G 14 6.64 12.57 38.96
CA VAL G 14 5.67 11.49 38.85
C VAL G 14 5.83 10.49 39.99
N GLY G 15 6.97 10.51 40.68
CA GLY G 15 7.14 9.72 41.89
C GLY G 15 7.70 8.33 41.66
N LYS G 16 8.71 8.20 40.80
CA LYS G 16 9.24 6.84 40.48
C LYS G 16 10.05 6.33 41.68
N SER G 17 10.87 7.20 42.27
CA SER G 17 11.72 6.80 43.41
C SER G 17 10.85 6.37 44.59
N ALA G 18 9.73 7.07 44.80
CA ALA G 18 8.87 6.76 45.96
C ALA G 18 8.34 5.33 45.87
N LEU G 19 7.90 4.89 44.69
CA LEU G 19 7.34 3.53 44.51
C LEU G 19 8.39 2.47 44.82
N THR G 20 9.63 2.66 44.35
CA THR G 20 10.69 1.64 44.56
C THR G 20 11.15 1.66 46.03
N ILE G 21 11.21 2.83 46.68
CA ILE G 21 11.54 2.89 48.13
C ILE G 21 10.42 2.21 48.92
N GLN G 22 9.16 2.41 48.51
CA GLN G 22 8.02 1.75 49.20
C GLN G 22 8.12 0.24 49.04
N LEU G 23 8.47 -0.25 47.85
CA LEU G 23 8.59 -1.72 47.61
C LEU G 23 9.73 -2.30 48.44
N ILE G 24 10.86 -1.60 48.54
CA ILE G 24 12.06 -2.18 49.21
C ILE G 24 12.14 -1.73 50.68
N GLN G 25 12.29 -0.43 50.93
CA GLN G 25 12.48 0.07 52.29
C GLN G 25 11.19 0.01 53.09
N ASN G 26 10.04 0.09 52.42
CA ASN G 26 8.70 0.08 53.01
C ASN G 26 8.37 1.38 53.74
N HIS G 27 9.14 2.44 53.53
CA HIS G 27 8.85 3.75 54.10
C HIS G 27 8.64 4.75 52.97
N PHE G 28 7.68 5.66 53.15
CA PHE G 28 7.41 6.68 52.15
C PHE G 28 8.44 7.80 52.26
N VAL G 29 9.00 8.19 51.12
CA VAL G 29 10.02 9.23 51.07
C VAL G 29 9.37 10.52 50.60
N ASP G 30 9.53 11.58 51.39
CA ASP G 30 9.07 12.91 51.02
C ASP G 30 10.24 13.71 50.47
N GLU G 31 10.03 14.31 49.29
CA GLU G 31 11.04 15.15 48.64
C GLU G 31 12.35 14.41 48.42
N TYR G 32 12.26 13.15 47.97
CA TYR G 32 13.45 12.41 47.60
C TYR G 32 14.13 13.07 46.42
N ASP G 33 15.45 12.97 46.38
CA ASP G 33 16.25 13.66 45.38
C ASP G 33 15.82 13.25 43.97
N PRO G 34 15.31 14.19 43.17
CA PRO G 34 14.99 13.84 41.77
C PRO G 34 16.22 13.50 40.96
N THR G 35 17.37 14.11 41.26
CA THR G 35 18.55 13.94 40.43
C THR G 35 19.23 12.59 40.66
N ILE G 36 19.20 12.07 41.88
CA ILE G 36 19.96 10.87 42.20
C ILE G 36 19.30 9.64 41.58
N GLU G 37 20.14 8.76 41.03
CA GLU G 37 19.68 7.51 40.41
C GLU G 37 20.42 6.35 41.06
N ASP G 38 19.67 5.41 41.62
CA ASP G 38 20.23 4.24 42.28
C ASP G 38 19.39 3.02 41.95
N SER G 39 20.05 1.86 41.93
CA SER G 39 19.39 0.58 41.75
C SER G 39 19.44 -0.21 43.06
N TYR G 40 18.34 -0.92 43.33
CA TYR G 40 18.24 -1.67 44.61
C TYR G 40 17.88 -3.13 44.31
N ARG G 41 18.44 -4.07 45.08
CA ARG G 41 18.17 -5.51 44.89
C ARG G 41 17.34 -6.03 46.08
N LYS G 42 16.39 -6.94 45.84
CA LYS G 42 15.47 -7.42 46.91
C LYS G 42 15.01 -8.85 46.64
N GLN G 43 15.27 -9.78 47.57
CA GLN G 43 14.75 -11.18 47.44
C GLN G 43 13.29 -11.19 47.88
N VAL G 44 12.38 -11.57 46.99
CA VAL G 44 10.93 -11.50 47.31
C VAL G 44 10.27 -12.79 46.87
N VAL G 45 9.10 -13.11 47.43
CA VAL G 45 8.37 -14.33 47.09
C VAL G 45 7.11 -13.94 46.33
N ILE G 46 6.99 -14.43 45.10
CA ILE G 46 5.87 -14.11 44.22
C ILE G 46 5.38 -15.40 43.59
N ASP G 47 4.11 -15.76 43.87
CA ASP G 47 3.48 -16.95 43.32
C ASP G 47 4.28 -18.22 43.66
N GLU G 49 7.50 -18.48 44.29
CA GLU G 49 8.84 -18.40 43.64
C GLU G 49 9.71 -17.37 44.36
N THR G 50 10.83 -17.81 44.93
CA THR G 50 11.77 -16.87 45.59
C THR G 50 12.71 -16.34 44.52
N CYS G 51 12.71 -15.03 44.32
CA CYS G 51 13.51 -14.44 43.22
C CYS G 51 14.07 -13.09 43.64
N LEU G 52 15.09 -12.60 42.93
CA LEU G 52 15.67 -11.27 43.20
C LEU G 52 15.10 -10.27 42.19
N LEU G 53 14.07 -9.52 42.59
CA LEU G 53 13.48 -8.47 41.72
C LEU G 53 14.28 -7.19 41.92
N ASP G 54 15.31 -6.96 41.11
CA ASP G 54 16.20 -5.77 41.29
C ASP G 54 15.65 -4.55 40.55
N ILE G 55 15.23 -3.51 41.28
CA ILE G 55 14.64 -2.30 40.64
C ILE G 55 15.78 -1.40 40.17
N LEU G 56 15.46 -0.41 39.33
CA LEU G 56 16.43 0.52 38.80
C LEU G 56 15.72 1.86 38.58
N ASP G 57 15.49 2.54 39.71
CA ASP G 57 14.83 3.87 39.68
C ASP G 57 15.60 4.78 38.73
N THR G 58 14.89 5.35 37.76
CA THR G 58 15.53 6.24 36.79
C THR G 58 15.45 7.69 37.24
N ALA G 59 16.44 8.47 36.80
CA ALA G 59 16.58 9.87 37.16
C ALA G 59 17.64 10.49 36.26
N GLY G 60 17.57 11.80 36.09
CA GLY G 60 18.54 12.53 35.32
C GLY G 60 17.94 13.11 34.04
N GLN G 61 18.78 13.89 33.36
CA GLN G 61 18.36 14.64 32.18
C GLN G 61 18.31 13.74 30.94
N GLU G 62 17.45 14.13 30.00
CA GLU G 62 17.29 13.42 28.71
C GLU G 62 18.63 13.20 28.06
N GLU G 63 18.95 11.94 27.76
CA GLU G 63 20.24 11.61 27.10
C GLU G 63 19.95 10.44 26.17
N TYR G 64 20.12 10.66 24.87
CA TYR G 64 19.88 9.59 23.88
C TYR G 64 21.22 9.07 23.39
N SER G 65 22.23 9.08 24.25
CA SER G 65 23.52 8.54 23.90
C SER G 65 23.43 7.01 23.79
N ALA G 66 24.46 6.43 23.17
CA ALA G 66 24.56 4.98 23.14
C ALA G 66 24.63 4.39 24.53
N MET G 67 25.28 5.10 25.47
CA MET G 67 25.46 4.57 26.81
C MET G 67 24.13 4.44 27.55
N ARG G 68 23.28 5.47 27.50
CA ARG G 68 22.01 5.43 28.28
C ARG G 68 21.10 4.40 27.64
N ASP G 69 21.18 4.28 26.32
CA ASP G 69 20.33 3.31 25.59
C ASP G 69 20.66 1.92 26.11
N GLN G 70 21.93 1.55 26.11
CA GLN G 70 22.36 0.22 26.56
C GLN G 70 21.97 -0.03 28.01
N TYR G 71 22.05 1.01 28.85
CA TYR G 71 21.63 0.86 30.24
C TYR G 71 20.15 0.50 30.33
N MET G 72 19.34 1.14 29.50
CA MET G 72 17.89 0.88 29.54
C MET G 72 17.61 -0.48 28.87
N ARG G 73 18.34 -0.81 27.81
CA ARG G 73 18.13 -2.09 27.14
C ARG G 73 18.32 -3.29 28.07
N THR G 74 19.11 -3.14 29.13
CA THR G 74 19.40 -4.27 30.01
C THR G 74 18.19 -4.73 30.80
N GLY G 75 17.37 -3.78 31.25
CA GLY G 75 16.16 -4.13 31.96
C GLY G 75 15.20 -4.90 31.07
N GLU G 76 14.66 -6.00 31.58
CA GLU G 76 13.75 -6.86 30.84
C GLU G 76 12.29 -6.60 31.19
N GLY G 77 12.06 -5.68 32.12
CA GLY G 77 10.70 -5.32 32.50
C GLY G 77 10.63 -3.84 32.79
N PHE G 78 9.61 -3.15 32.27
CA PHE G 78 9.56 -1.69 32.45
C PHE G 78 8.26 -1.26 33.13
N LEU G 79 8.39 -0.39 34.12
CA LEU G 79 7.20 0.13 34.82
C LEU G 79 7.04 1.58 34.39
N CYS G 80 6.11 1.85 33.48
CA CYS G 80 5.88 3.23 32.97
C CYS G 80 4.96 3.96 33.94
N VAL G 81 5.48 4.96 34.64
CA VAL G 81 4.69 5.62 35.70
C VAL G 81 4.26 7.02 35.25
N PHE G 82 3.03 7.41 35.58
CA PHE G 82 2.53 8.77 35.29
C PHE G 82 1.75 9.26 36.50
N ALA G 83 1.73 10.58 36.72
CA ALA G 83 0.95 11.12 37.85
C ALA G 83 -0.53 11.11 37.47
N ILE G 84 -1.42 10.74 38.38
CA ILE G 84 -2.87 10.85 38.06
C ILE G 84 -3.30 12.29 38.41
N ASN G 85 -2.52 13.29 38.00
CA ASN G 85 -2.77 14.70 38.38
C ASN G 85 -1.82 15.56 37.56
N PHE G 90 -0.73 14.33 31.76
CA PHE G 90 -0.12 14.64 30.44
C PHE G 90 0.24 13.35 29.70
N GLU G 91 0.55 13.42 28.41
CA GLU G 91 0.74 12.17 27.61
C GLU G 91 2.17 11.92 27.16
N ASP G 92 3.16 12.22 28.00
CA ASP G 92 4.56 11.94 27.63
C ASP G 92 4.76 10.43 27.70
N ILE G 93 3.78 9.70 28.21
CA ILE G 93 3.97 8.25 28.43
C ILE G 93 4.24 7.55 27.10
N HIS G 94 3.53 7.94 26.05
CA HIS G 94 3.77 7.33 24.73
C HIS G 94 5.24 7.54 24.35
N HIS G 95 5.78 8.75 24.55
CA HIS G 95 7.22 8.92 24.27
C HIS G 95 8.01 7.83 25.00
N TYR G 96 7.88 7.76 26.32
CA TYR G 96 8.65 6.78 27.12
C TYR G 96 8.46 5.39 26.53
N ARG G 97 7.20 4.97 26.34
CA ARG G 97 6.91 3.63 25.80
C ARG G 97 7.54 3.42 24.43
N GLU G 98 7.59 4.48 23.61
CA GLU G 98 8.11 4.29 22.24
C GLU G 98 9.62 4.15 22.32
N GLN G 99 10.25 4.82 23.28
CA GLN G 99 11.72 4.75 23.43
C GLN G 99 12.12 3.40 24.03
N ILE G 100 11.37 2.91 25.03
CA ILE G 100 11.66 1.55 25.56
C ILE G 100 11.58 0.59 24.39
N LYS G 101 10.54 0.73 23.57
CA LYS G 101 10.38 -0.18 22.44
C LYS G 101 11.57 -0.12 21.49
N ARG G 102 12.20 1.06 21.37
CA ARG G 102 13.35 1.21 20.44
C ARG G 102 14.57 0.46 20.99
N VAL G 103 14.97 0.77 22.22
CA VAL G 103 16.22 0.16 22.77
C VAL G 103 16.05 -1.35 22.92
N LYS G 104 14.87 -1.80 23.32
CA LYS G 104 14.60 -3.22 23.48
C LYS G 104 14.26 -3.90 22.17
N ASP G 105 13.97 -3.13 21.12
CA ASP G 105 13.78 -3.68 19.77
C ASP G 105 12.64 -4.69 19.73
N SER G 106 11.49 -4.30 20.29
CA SER G 106 10.37 -5.22 20.39
C SER G 106 9.09 -4.43 20.60
N GLU G 107 8.02 -4.90 19.96
CA GLU G 107 6.70 -4.35 20.21
C GLU G 107 6.07 -4.90 21.48
N ASP G 108 6.48 -6.08 21.93
CA ASP G 108 5.89 -6.74 23.09
C ASP G 108 6.87 -6.84 24.26
N VAL G 109 7.60 -5.76 24.54
CA VAL G 109 8.46 -5.77 25.73
C VAL G 109 7.60 -5.96 26.97
N PRO G 110 7.99 -6.82 27.96
CA PRO G 110 7.24 -6.92 29.21
C PRO G 110 7.19 -5.55 29.87
N MET G 111 6.01 -4.93 29.86
CA MET G 111 5.87 -3.57 30.42
C MET G 111 4.57 -3.52 31.22
N VAL G 112 4.45 -2.56 32.14
CA VAL G 112 3.19 -2.39 32.90
C VAL G 112 2.94 -0.89 33.07
N LEU G 113 1.80 -0.41 32.59
CA LEU G 113 1.43 1.00 32.78
C LEU G 113 1.06 1.17 34.25
N VAL G 114 1.55 2.22 34.89
CA VAL G 114 1.24 2.46 36.32
C VAL G 114 0.85 3.92 36.48
N GLY G 115 -0.34 4.19 37.01
CA GLY G 115 -0.71 5.59 37.31
C GLY G 115 -0.55 5.84 38.79
N ASN G 116 0.58 6.42 39.21
CA ASN G 116 0.82 6.58 40.67
C ASN G 116 0.18 7.86 41.21
N LYS G 117 0.48 8.17 42.47
CA LYS G 117 -0.14 9.36 43.10
C LYS G 117 -1.65 9.18 43.02
N SER G 118 -2.14 7.94 43.19
CA SER G 118 -3.59 7.67 43.07
C SER G 118 -4.29 7.86 44.41
N ASP G 119 -3.76 8.74 45.26
CA ASP G 119 -4.40 9.07 46.55
C ASP G 119 -4.77 10.55 46.47
N LEU G 120 -4.14 11.25 45.51
CA LEU G 120 -4.39 12.70 45.32
C LEU G 120 -5.82 12.87 44.83
N PRO G 121 -6.64 13.72 45.47
CA PRO G 121 -8.04 13.87 45.10
C PRO G 121 -8.22 14.51 43.70
N SER G 122 -7.27 15.34 43.29
CA SER G 122 -7.34 15.96 41.94
C SER G 122 -6.81 14.99 40.88
N ARG G 123 -7.70 14.45 40.05
CA ARG G 123 -7.25 13.57 38.93
C ARG G 123 -7.52 14.31 37.63
N THR G 124 -6.48 14.53 36.81
CA THR G 124 -6.65 15.21 35.51
C THR G 124 -6.64 14.15 34.40
N VAL G 125 -6.57 12.87 34.80
CA VAL G 125 -6.56 11.78 33.84
C VAL G 125 -7.68 10.82 34.20
N ASP G 126 -8.51 10.47 33.21
CA ASP G 126 -9.58 9.50 33.42
C ASP G 126 -8.99 8.11 33.63
N THR G 127 -9.49 7.41 34.65
CA THR G 127 -9.01 6.05 34.90
C THR G 127 -9.34 5.12 33.74
N LYS G 128 -10.52 5.29 33.13
CA LYS G 128 -10.87 4.52 31.95
C LYS G 128 -9.97 4.86 30.77
N GLN G 129 -9.49 6.11 30.72
CA GLN G 129 -8.64 6.55 29.62
C GLN G 129 -7.28 5.85 29.65
N ALA G 130 -6.72 5.66 30.83
CA ALA G 130 -5.43 4.99 30.95
C ALA G 130 -5.56 3.50 30.64
N GLN G 131 -6.55 2.84 31.22
CA GLN G 131 -6.76 1.42 30.96
C GLN G 131 -7.17 1.16 29.51
N ASP G 132 -7.77 2.14 28.85
CA ASP G 132 -7.95 2.03 27.40
C ASP G 132 -6.62 2.16 26.68
N LEU G 133 -5.76 3.07 27.13
CA LEU G 133 -4.40 3.15 26.60
C LEU G 133 -3.63 1.88 26.89
N ALA G 134 -3.74 1.38 28.13
CA ALA G 134 -3.07 0.12 28.48
C ALA G 134 -3.58 -1.03 27.61
N ARG G 135 -4.87 -1.01 27.27
CA ARG G 135 -5.41 -2.06 26.42
C ARG G 135 -4.86 -1.97 25.00
N SER G 136 -4.71 -0.74 24.48
CA SER G 136 -4.11 -0.56 23.17
C SER G 136 -2.67 -1.08 23.15
N TYR G 137 -1.91 -0.79 24.22
CA TYR G 137 -0.54 -1.28 24.30
C TYR G 137 -0.49 -2.79 24.47
N GLY G 138 -1.50 -3.37 25.12
CA GLY G 138 -1.49 -4.79 25.44
C GLY G 138 -0.91 -5.12 26.79
N ILE G 139 -0.81 -4.16 27.69
CA ILE G 139 -0.11 -4.32 28.97
C ILE G 139 -1.08 -4.03 30.11
N PRO G 140 -0.87 -4.63 31.29
CA PRO G 140 -1.74 -4.31 32.43
C PRO G 140 -1.47 -2.92 32.99
N PHE G 141 -2.53 -2.32 33.52
CA PHE G 141 -2.45 -1.03 34.21
C PHE G 141 -2.83 -1.25 35.66
N ILE G 142 -1.89 -0.94 36.55
CA ILE G 142 -2.11 -1.14 38.01
C ILE G 142 -2.14 0.25 38.66
N GLU G 143 -3.22 0.56 39.35
CA GLU G 143 -3.31 1.85 40.05
C GLU G 143 -2.47 1.72 41.31
N THR G 144 -1.74 2.78 41.68
CA THR G 144 -0.81 2.63 42.83
C THR G 144 -0.72 3.91 43.65
N SER G 145 -0.49 3.77 44.95
CA SER G 145 -0.29 4.95 45.83
C SER G 145 0.90 4.62 46.72
N ALA G 146 2.03 5.29 46.52
CA ALA G 146 3.23 5.03 47.32
C ALA G 146 3.04 5.62 48.70
N LYS G 147 2.30 6.73 48.81
CA LYS G 147 2.00 7.27 50.12
C LYS G 147 1.07 6.36 50.91
N THR G 148 0.03 5.84 50.26
CA THR G 148 -0.87 4.89 50.89
C THR G 148 -0.33 3.47 50.87
N ARG G 149 0.81 3.23 50.22
CA ARG G 149 1.42 1.91 50.12
C ARG G 149 0.45 0.90 49.53
N GLN G 150 -0.34 1.35 48.56
CA GLN G 150 -1.39 0.54 47.95
C GLN G 150 -1.03 0.28 46.49
N GLY G 151 -1.07 -1.00 46.10
CA GLY G 151 -0.76 -1.39 44.74
C GLY G 151 0.69 -1.27 44.34
N VAL G 152 1.56 -0.79 45.23
CA VAL G 152 2.98 -0.65 44.90
C VAL G 152 3.59 -2.02 44.63
N ASP G 153 3.30 -2.99 45.50
CA ASP G 153 3.82 -4.34 45.29
C ASP G 153 3.22 -4.97 44.04
N ASP G 154 1.93 -4.73 43.80
CA ASP G 154 1.27 -5.38 42.67
C ASP G 154 1.93 -5.01 41.36
N ALA G 155 2.20 -3.72 41.15
CA ALA G 155 2.79 -3.26 39.90
C ALA G 155 4.10 -3.97 39.61
N PHE G 156 4.99 -4.01 40.59
CA PHE G 156 6.31 -4.67 40.41
C PHE G 156 6.11 -6.17 40.25
N TYR G 157 5.14 -6.74 40.96
CA TYR G 157 4.89 -8.18 40.87
C TYR G 157 4.24 -8.55 39.53
N THR G 158 3.28 -7.76 39.04
CA THR G 158 2.66 -8.09 37.75
C THR G 158 3.65 -7.90 36.61
N LEU G 159 4.63 -7.00 36.78
CA LEU G 159 5.70 -6.89 35.80
C LEU G 159 6.54 -8.17 35.78
N VAL G 160 6.77 -8.76 36.96
CA VAL G 160 7.52 -10.00 37.02
C VAL G 160 6.77 -11.13 36.32
N ARG G 161 5.45 -11.18 36.50
CA ARG G 161 4.65 -12.20 35.83
C ARG G 161 4.63 -11.99 34.32
N GLU G 162 4.63 -10.72 33.89
CA GLU G 162 4.72 -10.44 32.46
C GLU G 162 6.07 -10.90 31.91
N ILE G 163 7.14 -10.72 32.68
CA ILE G 163 8.45 -11.19 32.24
C ILE G 163 8.49 -12.70 32.17
N ARG G 164 7.81 -13.37 33.11
CA ARG G 164 7.72 -14.83 33.04
C ARG G 164 6.95 -15.26 31.81
N LYS G 165 5.85 -14.55 31.50
CA LYS G 165 5.04 -14.90 30.34
C LYS G 165 5.84 -14.79 29.04
N HIS G 166 6.70 -13.79 28.95
CA HIS G 166 7.53 -13.57 27.77
C HIS G 166 8.34 -14.80 27.39
N THR H 2 -11.65 18.72 -45.05
CA THR H 2 -12.35 18.62 -43.76
C THR H 2 -12.05 19.85 -42.92
N GLU H 3 -12.72 19.95 -41.76
CA GLU H 3 -12.50 21.09 -40.83
C GLU H 3 -12.45 20.55 -39.40
N TYR H 4 -11.34 20.80 -38.69
CA TYR H 4 -11.12 20.35 -37.32
C TYR H 4 -11.02 21.56 -36.40
N LYS H 5 -10.78 21.29 -35.12
CA LYS H 5 -10.60 22.33 -34.11
C LYS H 5 -9.20 22.24 -33.54
N LEU H 6 -8.51 23.38 -33.54
CA LEU H 6 -7.11 23.42 -33.02
C LEU H 6 -7.00 24.61 -32.07
N VAL H 7 -6.01 24.59 -31.17
CA VAL H 7 -5.80 25.61 -30.17
C VAL H 7 -4.30 25.86 -30.03
N VAL H 8 -3.91 27.13 -29.88
CA VAL H 8 -2.48 27.51 -29.77
C VAL H 8 -2.25 28.10 -28.38
N VAL H 9 -1.51 27.41 -27.52
CA VAL H 9 -1.31 27.86 -26.12
C VAL H 9 0.16 28.19 -25.91
N GLY H 10 0.48 28.90 -24.85
CA GLY H 10 1.87 29.30 -24.62
C GLY H 10 1.91 30.60 -23.85
N ALA H 11 3.09 30.97 -23.35
CA ALA H 11 3.15 32.16 -22.49
C ALA H 11 3.01 33.44 -23.31
N ASP H 12 2.83 34.57 -22.63
CA ASP H 12 2.78 35.84 -23.31
C ASP H 12 4.19 36.38 -23.49
N GLY H 13 4.50 36.85 -24.69
CA GLY H 13 5.83 37.30 -25.04
C GLY H 13 6.72 36.25 -25.67
N VAL H 14 6.17 35.12 -26.10
CA VAL H 14 6.93 34.02 -26.66
C VAL H 14 6.67 33.85 -28.15
N GLY H 15 5.98 34.80 -28.78
CA GLY H 15 5.70 34.71 -30.19
C GLY H 15 4.49 33.87 -30.55
N LYS H 16 3.65 33.53 -29.58
CA LYS H 16 2.41 32.81 -29.87
C LYS H 16 1.50 33.61 -30.79
N SER H 17 1.36 34.91 -30.53
CA SER H 17 0.55 35.76 -31.40
C SER H 17 1.22 35.93 -32.77
N ALA H 18 2.55 36.03 -32.79
CA ALA H 18 3.24 36.25 -34.05
C ALA H 18 3.09 35.05 -34.99
N LEU H 19 3.13 33.84 -34.43
CA LEU H 19 3.07 32.63 -35.26
C LEU H 19 1.68 32.45 -35.86
N THR H 20 0.64 32.76 -35.10
CA THR H 20 -0.73 32.59 -35.59
C THR H 20 -1.06 33.52 -36.76
N ILE H 21 -0.12 34.35 -37.23
CA ILE H 21 -0.39 35.34 -38.26
C ILE H 21 0.59 35.18 -39.43
N GLN H 22 1.81 34.75 -39.16
CA GLN H 22 2.74 34.50 -40.30
C GLN H 22 2.21 33.30 -41.08
N LEU H 23 1.16 32.66 -40.55
CA LEU H 23 0.61 31.45 -41.20
C LEU H 23 -0.70 31.85 -41.87
N ILE H 24 -1.43 32.79 -41.29
CA ILE H 24 -2.77 33.12 -41.86
C ILE H 24 -2.63 34.26 -42.87
N GLN H 25 -2.06 35.40 -42.47
CA GLN H 25 -1.84 36.53 -43.36
C GLN H 25 -0.40 36.58 -43.88
N ASN H 26 0.38 35.53 -43.61
CA ASN H 26 1.73 35.37 -44.16
C ASN H 26 2.60 36.60 -43.90
N HIS H 27 2.48 37.17 -42.71
CA HIS H 27 3.34 38.30 -42.35
C HIS H 27 3.61 38.26 -40.85
N PHE H 28 4.76 38.79 -40.47
CA PHE H 28 5.21 38.85 -39.09
C PHE H 28 4.98 40.29 -38.60
N VAL H 29 3.99 40.47 -37.75
CA VAL H 29 3.77 41.75 -37.10
C VAL H 29 4.66 41.82 -35.86
N ASP H 30 5.43 42.90 -35.74
CA ASP H 30 6.25 43.12 -34.56
C ASP H 30 5.49 43.79 -33.43
N GLU H 31 4.16 43.88 -33.55
CA GLU H 31 3.33 44.69 -32.69
C GLU H 31 1.90 44.17 -32.65
N ASP H 33 -1.59 42.19 -30.98
CA ASP H 33 -2.39 42.49 -29.76
C ASP H 33 -2.22 41.37 -28.75
N PRO H 34 -1.64 41.66 -27.55
CA PRO H 34 -1.47 40.66 -26.50
C PRO H 34 -2.80 40.12 -25.97
N THR H 35 -3.84 40.96 -25.89
CA THR H 35 -5.12 40.53 -25.26
C THR H 35 -6.12 40.00 -26.29
N ILE H 36 -5.77 39.90 -27.57
CA ILE H 36 -6.81 39.49 -28.58
C ILE H 36 -6.72 38.00 -28.92
N GLU H 37 -7.85 37.29 -28.80
CA GLU H 37 -7.92 35.85 -29.19
C GLU H 37 -9.03 35.73 -30.23
N ASP H 38 -8.76 35.07 -31.36
CA ASP H 38 -9.83 34.88 -32.36
C ASP H 38 -9.80 33.45 -32.85
N SER H 39 -10.96 32.93 -33.27
CA SER H 39 -10.97 31.60 -33.92
C SER H 39 -10.50 31.86 -35.35
N TYR H 40 -9.35 32.53 -35.49
CA TYR H 40 -8.77 32.86 -36.81
C TYR H 40 -8.80 31.61 -37.69
N ARG H 41 -9.52 31.67 -38.81
CA ARG H 41 -9.67 30.45 -39.64
C ARG H 41 -8.97 30.64 -40.99
N LYS H 42 -8.11 29.69 -41.37
CA LYS H 42 -7.45 29.74 -42.71
C LYS H 42 -7.49 28.30 -43.26
N GLN H 43 -7.36 28.12 -44.56
CA GLN H 43 -7.49 26.75 -45.11
C GLN H 43 -6.26 26.38 -45.94
N ASP H 47 -1.46 18.54 -47.04
CA ASP H 47 -0.51 17.43 -46.96
C ASP H 47 -1.23 16.09 -46.94
N GLY H 48 -1.76 15.69 -48.09
CA GLY H 48 -2.61 14.52 -48.18
C GLY H 48 -4.05 14.76 -47.84
N GLU H 49 -4.41 15.97 -47.41
CA GLU H 49 -5.78 16.37 -47.09
C GLU H 49 -5.85 17.88 -46.94
N THR H 50 -6.61 18.48 -47.85
CA THR H 50 -6.81 19.95 -47.86
C THR H 50 -7.76 20.26 -46.72
N ASP H 54 -8.96 25.97 -37.51
CA ASP H 54 -9.47 27.15 -36.76
C ASP H 54 -8.46 27.50 -35.66
N ILE H 55 -7.31 28.08 -36.04
CA ILE H 55 -6.23 28.38 -35.05
C ILE H 55 -6.75 29.38 -34.01
N LEU H 56 -6.59 29.07 -32.72
CA LEU H 56 -7.02 30.00 -31.65
C LEU H 56 -5.79 30.63 -31.01
N ASP H 57 -5.51 31.91 -31.27
CA ASP H 57 -4.42 32.59 -30.59
C ASP H 57 -4.88 32.90 -29.17
N THR H 58 -5.01 31.82 -28.38
CA THR H 58 -5.51 31.95 -26.99
C THR H 58 -4.70 32.99 -26.23
N ALA H 59 -5.30 34.13 -25.97
CA ALA H 59 -4.57 35.25 -25.32
C ALA H 59 -5.39 35.74 -24.13
N GLY H 60 -4.77 36.55 -23.27
CA GLY H 60 -5.51 37.13 -22.14
C GLY H 60 -5.05 36.57 -20.82
N GLN H 61 -5.54 37.14 -19.72
CA GLN H 61 -5.19 36.67 -18.39
C GLN H 61 -5.69 35.23 -18.18
N GLU H 62 -5.01 34.53 -17.26
CA GLU H 62 -5.39 33.13 -16.95
C GLU H 62 -6.71 33.09 -16.20
N GLU H 63 -7.56 32.15 -16.58
CA GLU H 63 -8.90 32.02 -15.94
C GLU H 63 -9.23 30.54 -15.82
N TYR H 64 -9.38 30.03 -14.60
CA TYR H 64 -9.73 28.61 -14.39
C TYR H 64 -11.22 28.51 -14.10
N SER H 65 -12.01 29.47 -14.60
CA SER H 65 -13.45 29.41 -14.51
C SER H 65 -13.99 28.28 -15.37
N ALA H 66 -15.23 27.89 -15.09
CA ALA H 66 -15.87 26.81 -15.84
C ALA H 66 -16.02 27.17 -17.31
N MET H 67 -16.34 28.44 -17.61
CA MET H 67 -16.52 28.86 -18.99
C MET H 67 -15.25 28.68 -19.80
N ARG H 68 -14.12 29.16 -19.27
CA ARG H 68 -12.86 29.05 -20.03
C ARG H 68 -12.51 27.58 -20.20
N ASP H 69 -12.61 26.80 -19.14
CA ASP H 69 -12.28 25.36 -19.20
C ASP H 69 -13.12 24.74 -20.32
N GLN H 70 -14.40 25.09 -20.37
CA GLN H 70 -15.28 24.48 -21.36
C GLN H 70 -14.91 24.90 -22.78
N TYR H 71 -14.50 26.16 -22.95
CA TYR H 71 -14.05 26.61 -24.27
C TYR H 71 -12.82 25.81 -24.72
N MET H 72 -11.81 25.71 -23.86
CA MET H 72 -10.57 25.01 -24.26
C MET H 72 -10.82 23.51 -24.38
N ARG H 73 -11.92 22.99 -23.80
CA ARG H 73 -12.24 21.57 -23.97
C ARG H 73 -12.63 21.25 -25.41
N THR H 74 -13.34 22.18 -26.06
CA THR H 74 -13.75 21.96 -27.44
C THR H 74 -12.57 21.79 -28.39
N GLY H 75 -11.40 22.31 -28.03
CA GLY H 75 -10.23 22.15 -28.87
C GLY H 75 -9.77 20.70 -28.96
N GLU H 76 -9.19 20.35 -30.11
CA GLU H 76 -8.82 18.98 -30.39
C GLU H 76 -7.31 18.73 -30.44
N GLY H 77 -6.54 19.80 -30.55
CA GLY H 77 -5.07 19.69 -30.66
C GLY H 77 -4.43 20.95 -30.15
N PHE H 78 -3.33 20.84 -29.39
CA PHE H 78 -2.79 22.05 -28.73
C PHE H 78 -1.31 22.26 -29.04
N LEU H 79 -0.96 23.45 -29.50
CA LEU H 79 0.45 23.75 -29.84
C LEU H 79 1.06 24.57 -28.70
N CYS H 80 1.93 23.97 -27.89
CA CYS H 80 2.50 24.68 -26.72
C CYS H 80 3.75 25.43 -27.18
N VAL H 81 3.78 26.74 -27.01
CA VAL H 81 4.91 27.54 -27.56
C VAL H 81 5.83 27.98 -26.43
N PHE H 82 7.15 27.87 -26.63
CA PHE H 82 8.09 28.43 -25.63
C PHE H 82 9.11 29.32 -26.34
N ALA H 83 9.62 30.32 -25.63
CA ALA H 83 10.65 31.24 -26.19
C ALA H 83 12.01 30.65 -25.84
N ILE H 84 12.85 30.50 -26.85
CA ILE H 84 14.15 29.86 -26.67
C ILE H 84 15.15 30.76 -25.96
N ASN H 85 14.84 32.04 -25.77
CA ASN H 85 15.65 32.92 -24.94
C ASN H 85 14.98 33.22 -23.60
N ASN H 86 13.84 32.59 -23.32
CA ASN H 86 13.13 32.78 -22.07
C ASN H 86 13.13 31.47 -21.29
N THR H 87 13.66 31.51 -20.07
CA THR H 87 13.73 30.31 -19.25
C THR H 87 12.40 30.00 -18.58
N LYS H 88 11.71 31.03 -18.08
CA LYS H 88 10.37 30.81 -17.51
C LYS H 88 9.46 30.26 -18.60
N SER H 89 9.56 30.83 -19.80
CA SER H 89 8.69 30.38 -20.89
C SER H 89 8.85 28.89 -21.15
N PHE H 90 10.03 28.34 -20.90
CA PHE H 90 10.20 26.90 -21.06
C PHE H 90 9.60 26.14 -19.88
N GLU H 91 9.93 26.56 -18.65
CA GLU H 91 9.50 25.86 -17.44
C GLU H 91 7.97 25.85 -17.29
N ASP H 92 7.27 26.56 -18.16
CA ASP H 92 5.79 26.68 -18.03
C ASP H 92 5.08 25.65 -18.90
N ILE H 93 5.77 25.09 -19.89
CA ILE H 93 5.14 24.14 -20.85
C ILE H 93 4.42 23.03 -20.09
N HIS H 94 5.04 22.53 -19.03
CA HIS H 94 4.43 21.48 -18.18
C HIS H 94 3.04 21.93 -17.74
N HIS H 95 2.95 23.12 -17.16
CA HIS H 95 1.66 23.62 -16.64
C HIS H 95 0.61 23.60 -17.76
N TYR H 96 0.98 24.08 -18.93
CA TYR H 96 0.01 24.13 -20.06
C TYR H 96 -0.43 22.71 -20.37
N ARG H 97 0.51 21.77 -20.45
CA ARG H 97 0.15 20.37 -20.70
C ARG H 97 -0.85 19.86 -19.68
N GLU H 98 -0.62 20.16 -18.41
CA GLU H 98 -1.49 19.64 -17.33
C GLU H 98 -2.88 20.26 -17.41
N GLN H 99 -2.95 21.54 -17.75
CA GLN H 99 -4.25 22.24 -17.83
C GLN H 99 -5.06 21.66 -18.99
N ILE H 100 -4.41 21.32 -20.10
CA ILE H 100 -5.12 20.68 -21.24
C ILE H 100 -5.59 19.31 -20.77
N LYS H 101 -4.69 18.53 -20.17
CA LYS H 101 -5.04 17.16 -19.72
C LYS H 101 -6.22 17.23 -18.75
N ARG H 102 -6.28 18.29 -17.94
CA ARG H 102 -7.37 18.42 -16.94
C ARG H 102 -8.70 18.65 -17.65
N VAL H 103 -8.79 19.70 -18.47
CA VAL H 103 -10.10 20.09 -19.08
C VAL H 103 -10.58 19.01 -20.04
N LYS H 104 -9.65 18.21 -20.55
CA LYS H 104 -10.04 17.17 -21.49
C LYS H 104 -10.26 15.81 -20.85
N ASP H 105 -9.83 15.63 -19.59
CA ASP H 105 -10.01 14.36 -18.89
C ASP H 105 -9.34 13.23 -19.68
N SER H 106 -8.05 13.41 -19.97
CA SER H 106 -7.34 12.43 -20.78
C SER H 106 -5.83 12.65 -20.66
N GLU H 107 -5.10 11.55 -20.48
CA GLU H 107 -3.64 11.62 -20.47
C GLU H 107 -3.06 11.79 -21.87
N ASP H 108 -3.75 11.28 -22.89
CA ASP H 108 -3.28 11.33 -24.28
C ASP H 108 -4.16 12.31 -25.04
N VAL H 109 -3.68 13.54 -25.19
CA VAL H 109 -4.34 14.57 -25.98
C VAL H 109 -3.42 14.91 -27.15
N PRO H 110 -3.90 15.00 -28.43
CA PRO H 110 -2.99 15.26 -29.54
C PRO H 110 -2.32 16.62 -29.37
N MET H 111 -0.99 16.66 -29.32
CA MET H 111 -0.33 17.96 -29.05
C MET H 111 1.01 18.02 -29.80
N VAL H 112 1.66 19.19 -29.80
CA VAL H 112 2.98 19.39 -30.46
C VAL H 112 3.69 20.49 -29.67
N LEU H 113 4.95 20.28 -29.34
CA LEU H 113 5.73 21.34 -28.63
C LEU H 113 6.37 22.23 -29.69
N VAL H 114 6.41 23.53 -29.48
CA VAL H 114 6.95 24.45 -30.52
C VAL H 114 7.90 25.46 -29.85
N GLY H 115 8.98 25.84 -30.54
CA GLY H 115 9.98 26.74 -29.94
C GLY H 115 10.52 27.78 -30.91
N ASP H 119 15.95 31.66 -34.94
CA ASP H 119 16.75 32.76 -35.48
C ASP H 119 17.67 33.36 -34.42
N LEU H 120 17.23 33.29 -33.17
CA LEU H 120 17.89 34.06 -32.12
C LEU H 120 19.28 33.50 -31.82
N PRO H 121 20.34 34.32 -31.94
CA PRO H 121 21.69 33.82 -31.62
C PRO H 121 21.97 33.75 -30.13
N SER H 122 21.26 34.51 -29.30
CA SER H 122 21.42 34.50 -27.86
C SER H 122 20.22 33.79 -27.25
N ARG H 123 20.45 32.61 -26.68
CA ARG H 123 19.38 31.81 -26.12
C ARG H 123 19.82 31.19 -24.80
N THR H 124 18.86 30.99 -23.90
CA THR H 124 19.12 30.39 -22.60
C THR H 124 18.57 28.99 -22.45
N VAL H 125 17.50 28.64 -23.15
CA VAL H 125 16.91 27.31 -23.10
C VAL H 125 17.32 26.62 -24.39
N ASP H 126 18.44 25.91 -24.34
CA ASP H 126 18.97 25.27 -25.54
C ASP H 126 17.96 24.27 -26.10
N THR H 127 18.20 23.84 -27.34
CA THR H 127 17.35 22.82 -27.91
C THR H 127 17.46 21.51 -27.15
N LYS H 128 18.57 21.31 -26.43
CA LYS H 128 18.82 20.05 -25.74
C LYS H 128 17.72 19.72 -24.74
N GLN H 129 17.36 20.69 -23.89
CA GLN H 129 16.34 20.42 -22.87
C GLN H 129 14.99 20.12 -23.50
N ALA H 130 14.66 20.79 -24.60
CA ALA H 130 13.33 20.65 -25.20
C ALA H 130 13.07 19.23 -25.69
N GLN H 131 14.05 18.65 -26.40
CA GLN H 131 13.86 17.32 -27.00
C GLN H 131 13.52 16.27 -25.95
N ASP H 132 14.03 16.42 -24.73
CA ASP H 132 13.76 15.42 -23.71
C ASP H 132 12.30 15.45 -23.27
N LEU H 133 11.73 16.63 -23.06
CA LEU H 133 10.31 16.73 -22.71
C LEU H 133 9.43 16.22 -23.85
N ALA H 134 9.80 16.54 -25.10
CA ALA H 134 9.07 16.02 -26.25
C ALA H 134 9.03 14.50 -26.24
N ARG H 135 10.16 13.86 -25.96
CA ARG H 135 10.21 12.41 -25.86
C ARG H 135 9.31 11.91 -24.73
N SER H 136 9.45 12.50 -23.54
CA SER H 136 8.68 12.06 -22.38
C SER H 136 7.18 12.15 -22.66
N TYR H 137 6.71 13.31 -23.12
CA TYR H 137 5.29 13.47 -23.38
C TYR H 137 4.83 12.58 -24.52
N GLY H 138 5.72 12.23 -25.43
CA GLY H 138 5.32 11.47 -26.60
C GLY H 138 4.64 12.31 -27.65
N ILE H 139 5.04 13.57 -27.78
CA ILE H 139 4.48 14.50 -28.76
C ILE H 139 5.64 15.13 -29.53
N PRO H 140 5.42 15.58 -30.77
CA PRO H 140 6.54 16.12 -31.55
C PRO H 140 6.99 17.48 -31.05
N PHE H 141 8.19 17.87 -31.46
CA PHE H 141 8.76 19.18 -31.13
C PHE H 141 9.29 19.80 -32.41
N ILE H 142 8.64 20.88 -32.86
CA ILE H 142 9.02 21.62 -34.06
C ILE H 142 9.58 22.96 -33.62
N GLU H 143 10.70 23.37 -34.23
CA GLU H 143 11.32 24.65 -33.94
C GLU H 143 10.73 25.75 -34.81
N THR H 144 10.69 26.97 -34.29
CA THR H 144 10.06 28.08 -34.98
C THR H 144 10.86 29.36 -34.83
N SER H 145 10.75 30.22 -35.86
CA SER H 145 11.32 31.57 -35.84
C SER H 145 10.35 32.45 -36.62
N ALA H 146 9.51 33.20 -35.89
CA ALA H 146 8.45 33.95 -36.55
C ALA H 146 9.00 35.06 -37.43
N LYS H 147 10.11 35.68 -37.03
CA LYS H 147 10.67 36.76 -37.83
C LYS H 147 11.14 36.26 -39.20
N THR H 148 11.78 35.09 -39.23
CA THR H 148 12.19 34.49 -40.48
C THR H 148 11.09 33.68 -41.13
N ARG H 149 9.94 33.52 -40.46
CA ARG H 149 8.82 32.71 -40.96
C ARG H 149 9.28 31.29 -41.31
N GLN H 150 10.15 30.74 -40.45
CA GLN H 150 10.58 29.33 -40.65
C GLN H 150 9.95 28.49 -39.53
N GLY H 151 8.64 28.63 -39.35
CA GLY H 151 7.94 27.89 -38.29
C GLY H 151 8.22 26.40 -38.33
N ASP H 153 5.05 27.07 -39.81
CA ASP H 153 3.93 26.56 -40.62
C ASP H 153 3.87 25.04 -40.48
N ASP H 154 5.02 24.39 -40.62
CA ASP H 154 5.11 22.92 -40.46
C ASP H 154 4.62 22.53 -39.07
N ALA H 155 4.86 23.36 -38.06
CA ALA H 155 4.40 23.10 -36.68
C ALA H 155 2.91 22.78 -36.70
N PHE H 156 2.10 23.74 -37.14
CA PHE H 156 0.63 23.56 -37.21
C PHE H 156 0.34 22.30 -38.01
N TYR H 157 1.16 22.03 -39.03
CA TYR H 157 0.90 20.87 -39.91
C TYR H 157 1.12 19.58 -39.13
N THR H 158 2.20 19.47 -38.39
CA THR H 158 2.49 18.25 -37.60
C THR H 158 1.43 18.06 -36.51
N LEU H 159 0.90 19.15 -35.96
CA LEU H 159 -0.19 19.04 -34.95
C LEU H 159 -1.41 18.44 -35.63
N VAL H 160 -1.80 18.99 -36.78
CA VAL H 160 -3.01 18.53 -37.51
C VAL H 160 -2.97 17.03 -37.69
N ARG H 161 -1.79 16.46 -37.89
CA ARG H 161 -1.68 15.04 -38.16
C ARG H 161 -2.06 14.21 -36.95
N GLU H 162 -1.68 14.66 -35.75
CA GLU H 162 -1.88 13.85 -34.55
C GLU H 162 -3.35 13.65 -34.23
N ILE H 163 -4.19 14.65 -34.48
CA ILE H 163 -5.61 14.50 -34.18
C ILE H 163 -6.23 13.41 -35.04
N ARG H 164 -5.89 13.39 -36.33
CA ARG H 164 -6.39 12.32 -37.19
C ARG H 164 -5.92 10.95 -36.68
N LYS H 165 -4.65 10.86 -36.30
CA LYS H 165 -4.14 9.60 -35.76
C LYS H 165 -4.87 9.21 -34.49
N HIS H 166 -5.23 10.19 -33.66
CA HIS H 166 -5.89 9.90 -32.39
C HIS H 166 -7.26 9.26 -32.59
N LYS H 167 -8.00 9.72 -33.59
CA LYS H 167 -9.34 9.20 -33.85
C LYS H 167 -9.29 7.80 -34.46
#